data_5EQY
#
_entry.id   5EQY
#
_cell.length_a   55.523
_cell.length_b   121.532
_cell.length_c   130.467
_cell.angle_alpha   90.000
_cell.angle_beta   90.000
_cell.angle_gamma   90.000
#
_symmetry.space_group_name_H-M   'P 21 21 21'
#
loop_
_entity.id
_entity.type
_entity.pdbx_description
1 polymer 'Choline kinase alpha'
2 non-polymer 5-[(4-methyl-1,4-diazepan-1-yl)methyl]-2-[4-[(4-methyl-1,4-diazepan-1-yl)methyl]phenyl]benzenecarbonitrile
3 water water
#
_entity_poly.entity_id   1
_entity_poly.type   'polypeptide(L)'
_entity_poly.pdbx_seq_one_letter_code
;GSSHHHHHHSSGLVPRGSPQPPADEQPEPRTRRRAYLWCKEFLPGAWRGLREDEFHISVIRGGLSNMLFQCSLPDTTATL
GDEPRKVLLRLYGAILQMRSCNKEGSEQAQKENEFQGAEAMVLESVMFAILAERSLGPKLYGIFPQGRLEQFIPSRRLDT
EELSLPDISAEIAEKMATFHGMKMPFNKEPKWLFGTMEKYLKEVLRIKFTEESRIKKLHKLLSYNLPLELENLRSLLEST
PSPVVFCHNDCQEGNILLLEGRENSEKQKLMLIDFEYSSYNYRGFDIGNHFCEWMYDYSYEKYPFFRANIRKYPTKKQQL
HFISSYLPAFQNDFENLSTEEKSIIKEEMLLEVNRFALASHFLWGLWSIVQAKISSIEFGYMDYAQARFDAYFHQKRKLG
V
;
_entity_poly.pdbx_strand_id   A,B
#
# COMPACT_ATOMS: atom_id res chain seq x y z
N GLN A 26 16.96 19.86 14.57
CA GLN A 26 18.09 19.75 15.55
C GLN A 26 18.01 18.43 16.34
N PRO A 27 17.93 17.28 15.65
CA PRO A 27 17.62 16.00 16.29
C PRO A 27 18.72 15.48 17.21
N GLU A 28 18.43 14.39 17.91
CA GLU A 28 19.40 13.73 18.76
C GLU A 28 20.26 12.80 17.91
N PRO A 29 21.48 12.49 18.36
CA PRO A 29 22.43 11.70 17.57
C PRO A 29 21.90 10.39 17.02
N ARG A 30 21.06 9.69 17.77
CA ARG A 30 20.54 8.39 17.36
C ARG A 30 19.74 8.52 16.08
N THR A 31 18.58 9.16 16.18
CA THR A 31 17.85 9.53 14.99
C THR A 31 18.84 10.44 14.26
N ARG A 32 18.54 10.84 13.03
CA ARG A 32 19.46 11.63 12.21
C ARG A 32 20.60 10.79 11.68
N ARG A 33 21.15 9.92 12.51
CA ARG A 33 22.02 8.86 12.01
C ARG A 33 21.17 7.81 11.31
N ARG A 34 20.08 7.41 11.93
CA ARG A 34 19.14 6.50 11.29
C ARG A 34 18.43 7.26 10.18
N ALA A 35 18.07 8.50 10.46
CA ALA A 35 17.49 9.36 9.43
C ALA A 35 18.41 9.42 8.22
N TYR A 36 19.71 9.61 8.47
CA TYR A 36 20.72 9.69 7.41
C TYR A 36 20.74 8.39 6.62
N LEU A 37 20.70 7.27 7.33
CA LEU A 37 20.75 5.98 6.69
C LEU A 37 19.52 5.72 5.82
N TRP A 38 18.34 6.02 6.37
CA TRP A 38 17.10 5.82 5.62
C TRP A 38 17.13 6.62 4.35
N CYS A 39 17.53 7.88 4.45
CA CYS A 39 17.53 8.75 3.28
C CYS A 39 18.50 8.28 2.20
N LYS A 40 19.70 7.89 2.62
CA LYS A 40 20.74 7.51 1.68
C LYS A 40 20.35 6.21 0.97
N GLU A 41 19.55 5.39 1.64
CA GLU A 41 19.19 4.09 1.11
C GLU A 41 17.87 4.04 0.32
N PHE A 42 16.96 4.97 0.60
CA PHE A 42 15.65 4.98 -0.04
C PHE A 42 15.53 6.04 -1.13
N LEU A 43 16.29 7.12 -1.00
CA LEU A 43 16.21 8.20 -1.96
C LEU A 43 17.23 8.04 -3.08
N PRO A 44 16.82 8.21 -4.33
CA PRO A 44 17.74 8.13 -5.47
C PRO A 44 18.56 9.41 -5.62
N GLY A 45 19.51 9.40 -6.55
CA GLY A 45 20.15 10.63 -6.96
C GLY A 45 21.34 10.95 -6.09
N ALA A 46 21.48 12.24 -5.76
CA ALA A 46 22.64 12.71 -5.00
C ALA A 46 22.61 12.16 -3.57
N TRP A 47 21.45 11.69 -3.13
CA TRP A 47 21.30 11.09 -1.82
C TRP A 47 22.16 9.84 -1.66
N ARG A 48 22.19 8.98 -2.68
CA ARG A 48 22.73 7.66 -2.45
C ARG A 48 24.22 7.67 -2.19
N GLY A 49 24.87 8.77 -2.56
CA GLY A 49 26.28 8.90 -2.30
C GLY A 49 26.64 9.90 -1.20
N LEU A 50 25.62 10.51 -0.62
CA LEU A 50 25.81 11.55 0.39
C LEU A 50 26.56 11.03 1.62
N ARG A 51 27.50 11.81 2.12
CA ARG A 51 28.18 11.47 3.36
C ARG A 51 27.35 11.95 4.56
N GLU A 52 27.47 11.24 5.68
CA GLU A 52 26.83 11.67 6.91
C GLU A 52 27.10 13.15 7.24
N ASP A 53 28.31 13.61 6.97
CA ASP A 53 28.68 14.96 7.34
C ASP A 53 28.01 16.02 6.46
N GLU A 54 27.47 15.61 5.33
CA GLU A 54 26.77 16.59 4.50
C GLU A 54 25.25 16.50 4.59
N PHE A 55 24.76 15.82 5.63
CA PHE A 55 23.33 15.55 5.79
C PHE A 55 22.68 16.59 6.72
N HIS A 56 21.64 17.27 6.21
CA HIS A 56 20.90 18.26 6.99
C HIS A 56 19.54 17.73 7.48
N ILE A 57 19.36 17.70 8.80
CA ILE A 57 18.06 17.35 9.37
C ILE A 57 17.62 18.32 10.48
N SER A 58 16.36 18.77 10.39
CA SER A 58 15.77 19.64 11.41
C SER A 58 14.53 19.00 11.99
N VAL A 59 14.15 19.42 13.18
CA VAL A 59 12.88 18.98 13.77
C VAL A 59 11.73 19.81 13.23
N ILE A 60 10.55 19.21 13.16
CA ILE A 60 9.34 19.92 12.82
C ILE A 60 8.28 19.74 13.92
N ARG A 61 8.28 18.56 14.54
CA ARG A 61 7.49 18.32 15.74
C ARG A 61 8.18 17.23 16.58
N GLY A 62 8.30 17.48 17.88
CA GLY A 62 8.90 16.51 18.79
C GLY A 62 7.88 15.52 19.34
N GLY A 63 8.03 15.13 20.61
CA GLY A 63 7.08 14.23 21.22
C GLY A 63 7.53 12.77 21.23
N LEU A 64 6.59 11.86 21.38
CA LEU A 64 6.91 10.43 21.47
C LEU A 64 6.12 9.57 20.47
N SER A 65 5.14 10.18 19.80
CA SER A 65 4.27 9.44 18.88
C SER A 65 4.64 9.64 17.42
N ASN A 66 4.28 10.79 16.86
CA ASN A 66 4.60 11.07 15.46
C ASN A 66 5.58 12.22 15.32
N MET A 67 6.86 11.93 15.42
CA MET A 67 7.88 12.97 15.30
C MET A 67 8.10 13.30 13.84
N LEU A 68 8.27 14.58 13.54
CA LEU A 68 8.45 15.04 12.19
C LEU A 68 9.80 15.74 12.02
N PHE A 69 10.45 15.44 10.91
CA PHE A 69 11.73 16.08 10.60
C PHE A 69 11.80 16.48 9.15
N GLN A 70 12.62 17.49 8.89
CA GLN A 70 12.95 17.93 7.56
C GLN A 70 14.33 17.39 7.24
N CYS A 71 14.48 16.79 6.06
CA CYS A 71 15.78 16.28 5.63
C CYS A 71 16.06 16.89 4.27
N SER A 72 17.33 17.21 4.03
CA SER A 72 17.69 17.84 2.76
C SER A 72 19.14 17.65 2.37
N LEU A 73 19.39 17.81 1.07
CA LEU A 73 20.73 17.84 0.51
C LEU A 73 21.40 19.16 0.88
N PRO A 74 22.74 19.22 0.87
CA PRO A 74 23.39 20.54 0.92
C PRO A 74 22.93 21.39 -0.26
N ASP A 75 22.87 22.70 -0.05
CA ASP A 75 22.41 23.60 -1.11
C ASP A 75 23.48 23.68 -2.20
N THR A 76 24.70 23.30 -1.86
CA THR A 76 25.79 23.27 -2.82
C THR A 76 25.75 22.01 -3.67
N THR A 77 24.96 21.03 -3.23
CA THR A 77 24.92 19.75 -3.94
C THR A 77 23.89 19.74 -5.05
N ALA A 78 24.29 19.25 -6.21
CA ALA A 78 23.41 19.16 -7.36
C ALA A 78 22.63 17.86 -7.35
N THR A 79 21.31 17.97 -7.48
CA THR A 79 20.46 16.84 -7.79
C THR A 79 20.85 16.26 -9.14
N LEU A 80 20.75 14.94 -9.28
CA LEU A 80 21.06 14.29 -10.54
C LEU A 80 19.82 14.16 -11.44
N GLY A 81 18.66 13.97 -10.83
CA GLY A 81 17.45 13.75 -11.60
C GLY A 81 16.15 14.11 -10.90
N ASP A 82 15.26 13.13 -10.79
CA ASP A 82 13.96 13.32 -10.15
C ASP A 82 14.12 13.69 -8.68
N GLU A 83 15.08 13.07 -8.00
CA GLU A 83 15.07 13.02 -6.56
C GLU A 83 14.79 14.38 -5.92
N PRO A 84 14.08 14.40 -4.79
CA PRO A 84 13.77 15.66 -4.12
C PRO A 84 14.98 16.21 -3.39
N ARG A 85 15.11 17.53 -3.35
CA ARG A 85 16.17 18.17 -2.56
C ARG A 85 15.90 17.96 -1.08
N LYS A 86 14.62 17.82 -0.75
CA LYS A 86 14.22 17.83 0.63
C LYS A 86 13.01 16.92 0.84
N VAL A 87 13.03 16.19 1.95
CA VAL A 87 11.94 15.28 2.29
C VAL A 87 11.52 15.37 3.75
N LEU A 88 10.34 14.85 4.02
CA LEU A 88 9.86 14.79 5.39
C LEU A 88 10.08 13.40 5.98
N LEU A 89 10.76 13.34 7.12
CA LEU A 89 10.91 12.10 7.86
C LEU A 89 9.81 12.02 8.91
N ARG A 90 9.16 10.87 9.00
CA ARG A 90 8.08 10.67 9.95
C ARG A 90 8.33 9.40 10.77
N LEU A 91 8.54 9.54 12.09
CA LEU A 91 8.75 8.38 12.93
C LEU A 91 7.50 8.00 13.68
N TYR A 92 7.10 6.74 13.55
CA TYR A 92 5.85 6.26 14.13
C TYR A 92 5.88 6.31 15.64
N GLY A 93 7.08 6.45 16.21
CA GLY A 93 7.21 6.53 17.66
C GLY A 93 6.43 5.44 18.39
N ALA A 94 5.92 5.76 19.57
CA ALA A 94 5.17 4.80 20.37
C ALA A 94 3.85 4.42 19.71
N GLU A 119 -0.61 -3.82 12.73
CA GLU A 119 -1.31 -4.46 11.62
C GLU A 119 -2.64 -3.84 11.30
N ALA A 120 -2.75 -2.58 11.62
CA ALA A 120 -3.73 -1.74 11.01
C ALA A 120 -2.78 -0.78 10.30
N MET A 121 -1.49 -1.09 10.47
CA MET A 121 -0.43 -0.29 9.90
C MET A 121 -0.21 -0.67 8.45
N VAL A 122 -0.74 -1.82 8.04
CA VAL A 122 -0.78 -2.17 6.61
C VAL A 122 -1.83 -1.33 5.89
N LEU A 123 -3.00 -1.17 6.51
CA LEU A 123 -4.07 -0.39 5.90
C LEU A 123 -3.62 1.05 5.79
N GLU A 124 -2.99 1.56 6.85
CA GLU A 124 -2.53 2.94 6.87
C GLU A 124 -1.51 3.15 5.76
N SER A 125 -0.55 2.22 5.68
CA SER A 125 0.48 2.24 4.65
C SER A 125 -0.09 2.12 3.25
N VAL A 126 -1.00 1.17 3.06
CA VAL A 126 -1.57 0.96 1.73
C VAL A 126 -2.31 2.21 1.33
N MET A 127 -3.06 2.76 2.28
CA MET A 127 -3.90 3.91 2.02
C MET A 127 -3.03 5.06 1.57
N PHE A 128 -1.96 5.32 2.33
CA PHE A 128 -1.10 6.44 2.06
C PHE A 128 -0.45 6.32 0.68
N ALA A 129 -0.09 5.09 0.29
CA ALA A 129 0.55 4.86 -0.99
C ALA A 129 -0.44 5.12 -2.12
N ILE A 130 -1.69 4.76 -1.92
CA ILE A 130 -2.68 4.99 -2.97
C ILE A 130 -2.96 6.47 -3.18
N LEU A 131 -3.14 7.22 -2.09
CA LEU A 131 -3.41 8.64 -2.25
C LEU A 131 -2.21 9.31 -2.91
N ALA A 132 -1.02 8.80 -2.65
CA ALA A 132 0.18 9.36 -3.26
C ALA A 132 0.14 9.13 -4.78
N GLU A 133 -0.13 7.90 -5.18
CA GLU A 133 -0.22 7.57 -6.60
C GLU A 133 -1.30 8.39 -7.26
N ARG A 134 -2.36 8.68 -6.52
CA ARG A 134 -3.47 9.45 -7.08
C ARG A 134 -3.27 10.95 -6.93
N SER A 135 -2.17 11.35 -6.29
CA SER A 135 -1.81 12.77 -6.18
C SER A 135 -2.74 13.52 -5.25
N LEU A 136 -3.56 12.79 -4.50
CA LEU A 136 -4.34 13.43 -3.45
C LEU A 136 -3.47 13.71 -2.23
N GLY A 137 -2.48 12.87 -1.99
CA GLY A 137 -1.60 13.06 -0.85
C GLY A 137 -0.14 13.34 -1.22
N PRO A 138 0.72 13.50 -0.22
CA PRO A 138 2.17 13.59 -0.43
C PRO A 138 2.72 12.32 -1.09
N LYS A 139 3.59 12.49 -2.08
CA LYS A 139 4.32 11.36 -2.64
C LYS A 139 4.99 10.55 -1.54
N LEU A 140 5.18 9.27 -1.79
CA LEU A 140 5.76 8.37 -0.79
C LEU A 140 7.10 7.81 -1.29
N TYR A 141 8.19 8.18 -0.61
CA TYR A 141 9.55 7.81 -1.06
C TYR A 141 10.12 6.61 -0.32
N GLY A 142 9.62 6.37 0.88
CA GLY A 142 10.21 5.35 1.71
C GLY A 142 9.26 4.87 2.78
N ILE A 143 9.04 3.56 2.81
CA ILE A 143 8.30 2.99 3.90
C ILE A 143 9.16 1.95 4.60
N PHE A 144 9.10 1.94 5.93
CA PHE A 144 9.90 1.06 6.74
C PHE A 144 9.29 0.99 8.13
N PRO A 145 9.69 0.01 8.94
CA PRO A 145 8.95 -0.25 10.18
C PRO A 145 8.83 0.94 11.13
N GLN A 146 9.88 1.75 11.24
CA GLN A 146 9.91 2.84 12.23
C GLN A 146 9.25 4.12 11.75
N GLY A 147 8.91 4.18 10.47
CA GLY A 147 8.32 5.38 9.89
C GLY A 147 8.32 5.39 8.37
N ARG A 148 8.15 6.57 7.78
CA ARG A 148 8.21 6.69 6.33
C ARG A 148 8.93 7.98 5.91
N LEU A 149 9.30 8.03 4.63
CA LEU A 149 9.80 9.26 4.03
C LEU A 149 8.80 9.78 3.03
N GLU A 150 8.33 11.00 3.23
CA GLU A 150 7.27 11.57 2.39
C GLU A 150 7.75 12.83 1.70
N GLN A 151 7.10 13.17 0.59
CA GLN A 151 7.33 14.45 -0.05
C GLN A 151 7.21 15.61 0.95
N PHE A 152 8.18 16.52 0.95
CA PHE A 152 8.05 17.75 1.72
C PHE A 152 7.30 18.75 0.87
N ILE A 153 6.28 19.35 1.48
CA ILE A 153 5.40 20.26 0.76
C ILE A 153 5.46 21.63 1.42
N PRO A 154 6.13 22.59 0.76
CA PRO A 154 6.25 23.92 1.36
C PRO A 154 4.85 24.48 1.55
N SER A 155 4.54 24.85 2.78
CA SER A 155 3.17 25.13 3.16
C SER A 155 3.10 25.52 4.62
N ARG A 156 1.93 25.98 5.04
CA ARG A 156 1.62 26.03 6.46
C ARG A 156 0.24 25.43 6.63
N ARG A 157 -0.15 25.20 7.88
CA ARG A 157 -1.49 24.74 8.18
C ARG A 157 -2.43 25.94 8.36
N LEU A 158 -3.73 25.70 8.21
CA LEU A 158 -4.71 26.76 8.38
C LEU A 158 -4.91 27.06 9.86
N ASP A 159 -5.30 28.30 10.17
CA ASP A 159 -5.77 28.68 11.51
C ASP A 159 -7.27 28.41 11.62
N THR A 160 -7.78 28.35 12.85
CA THR A 160 -9.20 28.09 13.05
C THR A 160 -10.10 29.12 12.36
N GLU A 161 -9.75 30.40 12.44
CA GLU A 161 -10.63 31.43 11.90
C GLU A 161 -10.64 31.43 10.38
N GLU A 162 -9.57 30.95 9.76
CA GLU A 162 -9.51 30.85 8.31
C GLU A 162 -10.52 29.85 7.73
N LEU A 163 -10.96 28.89 8.56
CA LEU A 163 -11.91 27.91 8.07
C LEU A 163 -13.19 28.57 7.56
N SER A 164 -13.54 29.73 8.13
CA SER A 164 -14.79 30.40 7.79
C SER A 164 -14.69 31.36 6.61
N LEU A 165 -13.48 31.67 6.18
CA LEU A 165 -13.29 32.38 4.92
C LEU A 165 -13.94 31.59 3.78
N PRO A 166 -14.74 32.27 2.95
CA PRO A 166 -15.56 31.63 1.92
C PRO A 166 -14.78 30.82 0.89
N ASP A 167 -13.72 31.40 0.33
CA ASP A 167 -12.93 30.69 -0.67
C ASP A 167 -12.29 29.46 -0.06
N ILE A 168 -11.70 29.65 1.12
CA ILE A 168 -11.16 28.55 1.91
C ILE A 168 -12.23 27.47 2.07
N SER A 169 -13.29 27.82 2.78
CA SER A 169 -14.41 26.92 3.04
C SER A 169 -14.88 26.23 1.76
N ALA A 170 -14.97 27.01 0.69
CA ALA A 170 -15.46 26.50 -0.59
C ALA A 170 -14.52 25.42 -1.11
N GLU A 171 -13.23 25.68 -1.08
CA GLU A 171 -12.28 24.71 -1.59
C GLU A 171 -12.25 23.47 -0.70
N ILE A 172 -12.25 23.69 0.61
CA ILE A 172 -12.21 22.55 1.52
C ILE A 172 -13.37 21.62 1.16
N ALA A 173 -14.47 22.22 0.73
CA ALA A 173 -15.66 21.46 0.40
C ALA A 173 -15.45 20.61 -0.85
N GLU A 174 -14.76 21.15 -1.85
CA GLU A 174 -14.49 20.38 -3.05
C GLU A 174 -13.49 19.27 -2.74
N LYS A 175 -12.42 19.61 -2.05
CA LYS A 175 -11.41 18.64 -1.70
C LYS A 175 -12.07 17.45 -1.00
N MET A 176 -12.90 17.73 0.01
CA MET A 176 -13.56 16.68 0.75
C MET A 176 -14.47 15.85 -0.17
N ALA A 177 -15.19 16.53 -1.05
CA ALA A 177 -15.96 15.84 -2.09
C ALA A 177 -15.08 14.89 -2.87
N THR A 178 -14.07 15.44 -3.55
CA THR A 178 -13.08 14.64 -4.27
C THR A 178 -12.69 13.43 -3.45
N PHE A 179 -12.21 13.71 -2.24
CA PHE A 179 -11.76 12.67 -1.34
C PHE A 179 -12.81 11.57 -1.26
N HIS A 180 -14.10 11.95 -1.21
CA HIS A 180 -15.19 10.99 -0.98
C HIS A 180 -15.49 10.09 -2.17
N GLY A 181 -15.19 10.57 -3.38
CA GLY A 181 -15.42 9.78 -4.56
C GLY A 181 -14.42 8.65 -4.79
N MET A 182 -13.45 8.51 -3.89
CA MET A 182 -12.37 7.57 -4.13
C MET A 182 -12.64 6.15 -3.69
N LYS A 183 -12.37 5.21 -4.59
CA LYS A 183 -12.43 3.80 -4.26
C LYS A 183 -11.19 3.42 -3.46
N MET A 184 -11.39 2.79 -2.31
CA MET A 184 -10.30 2.31 -1.50
C MET A 184 -10.54 0.86 -1.10
N PRO A 185 -9.50 0.04 -1.14
CA PRO A 185 -9.66 -1.40 -0.92
C PRO A 185 -9.98 -1.72 0.53
N PHE A 186 -10.86 -0.94 1.15
CA PHE A 186 -11.22 -1.21 2.53
C PHE A 186 -12.69 -1.56 2.70
N ASN A 187 -12.98 -2.22 3.80
CA ASN A 187 -14.33 -2.62 4.16
C ASN A 187 -15.31 -1.45 4.06
N LYS A 188 -16.37 -1.67 3.28
CA LYS A 188 -17.31 -0.62 2.91
C LYS A 188 -18.48 -0.50 3.91
N GLU A 189 -18.50 -1.38 4.91
CA GLU A 189 -19.57 -1.34 5.91
C GLU A 189 -19.34 -0.19 6.86
N PRO A 190 -20.35 0.69 7.00
CA PRO A 190 -20.27 1.83 7.92
C PRO A 190 -20.26 1.42 9.39
N LYS A 191 -19.24 0.66 9.79
CA LYS A 191 -19.17 0.18 11.17
C LYS A 191 -18.21 1.01 12.00
N TRP A 192 -17.47 1.88 11.33
CA TRP A 192 -16.39 2.60 11.98
C TRP A 192 -16.87 3.52 13.08
N LEU A 193 -17.94 4.27 12.82
CA LEU A 193 -18.35 5.34 13.72
C LEU A 193 -18.82 4.84 15.08
N PHE A 194 -19.77 3.90 15.09
CA PHE A 194 -20.20 3.40 16.38
C PHE A 194 -19.29 2.33 16.93
N GLY A 195 -18.68 1.55 16.04
CA GLY A 195 -17.68 0.60 16.50
C GLY A 195 -16.65 1.32 17.35
N THR A 196 -16.21 2.49 16.87
CA THR A 196 -15.17 3.25 17.52
C THR A 196 -15.67 3.92 18.80
N MET A 197 -16.86 4.49 18.75
CA MET A 197 -17.45 5.13 19.93
C MET A 197 -17.69 4.07 21.02
N GLU A 198 -18.21 2.93 20.60
CA GLU A 198 -18.39 1.80 21.52
C GLU A 198 -17.07 1.43 22.18
N LYS A 199 -16.02 1.31 21.37
CA LYS A 199 -14.73 0.88 21.85
C LYS A 199 -14.23 1.85 22.91
N TYR A 200 -14.32 3.13 22.61
CA TYR A 200 -13.93 4.12 23.58
C TYR A 200 -14.81 4.09 24.82
N LEU A 201 -16.13 3.99 24.64
CA LEU A 201 -17.03 3.99 25.78
C LEU A 201 -16.58 2.93 26.78
N LYS A 202 -16.46 1.69 26.29
CA LYS A 202 -16.03 0.56 27.10
C LYS A 202 -14.72 0.87 27.83
N GLU A 203 -13.76 1.42 27.12
CA GLU A 203 -12.53 1.80 27.78
C GLU A 203 -12.86 2.80 28.87
N VAL A 204 -13.66 3.81 28.51
CA VAL A 204 -13.93 4.94 29.40
C VAL A 204 -14.53 4.48 30.72
N LEU A 205 -15.50 3.56 30.63
CA LEU A 205 -16.21 3.09 31.80
C LEU A 205 -15.27 2.42 32.81
N ARG A 206 -14.24 1.73 32.31
CA ARG A 206 -13.33 1.02 33.19
C ARG A 206 -12.02 1.73 33.48
N ILE A 207 -11.96 3.04 33.26
CA ILE A 207 -10.75 3.76 33.65
C ILE A 207 -10.92 4.54 34.94
N LYS A 208 -9.89 4.55 35.75
CA LYS A 208 -9.94 5.21 37.05
C LYS A 208 -8.73 6.13 37.26
N PHE A 209 -9.00 7.41 37.45
CA PHE A 209 -7.96 8.41 37.68
C PHE A 209 -7.62 8.45 39.16
N THR A 210 -6.44 8.97 39.50
CA THR A 210 -6.12 9.24 40.91
C THR A 210 -6.26 10.73 41.18
N GLU A 211 -5.44 11.53 40.51
CA GLU A 211 -5.46 12.98 40.64
C GLU A 211 -6.89 13.53 40.78
N GLU A 212 -7.11 14.31 41.84
CA GLU A 212 -8.46 14.71 42.23
C GLU A 212 -9.26 15.36 41.11
N SER A 213 -8.70 16.41 40.51
CA SER A 213 -9.42 17.18 39.50
C SER A 213 -9.79 16.34 38.28
N ARG A 214 -9.03 15.28 38.01
CA ARG A 214 -9.39 14.38 36.94
C ARG A 214 -10.54 13.47 37.38
N ILE A 215 -10.50 13.01 38.63
CA ILE A 215 -11.55 12.14 39.15
C ILE A 215 -12.91 12.84 39.20
N LYS A 216 -12.88 14.14 39.47
CA LYS A 216 -14.11 14.92 39.48
C LYS A 216 -14.69 15.05 38.07
N LYS A 217 -13.93 15.70 37.18
CA LYS A 217 -14.34 15.88 35.81
C LYS A 217 -14.86 14.60 35.17
N LEU A 218 -14.28 13.46 35.54
CA LEU A 218 -14.73 12.20 34.96
C LEU A 218 -16.13 11.83 35.44
N HIS A 219 -16.40 12.07 36.72
CA HIS A 219 -17.68 11.66 37.27
C HIS A 219 -18.81 12.50 36.72
N LYS A 220 -18.55 13.78 36.49
CA LYS A 220 -19.55 14.67 35.92
C LYS A 220 -19.94 14.22 34.52
N LEU A 221 -18.97 13.72 33.77
CA LEU A 221 -19.22 13.23 32.43
C LEU A 221 -20.00 11.92 32.51
N LEU A 222 -19.70 11.12 33.52
CA LEU A 222 -20.43 9.86 33.72
C LEU A 222 -21.85 10.13 34.25
N SER A 223 -22.08 11.32 34.78
CA SER A 223 -23.40 11.72 35.23
C SER A 223 -24.42 11.60 34.11
N TYR A 224 -23.97 11.87 32.89
CA TYR A 224 -24.89 11.96 31.75
C TYR A 224 -25.44 10.60 31.33
N ASN A 225 -24.86 9.53 31.89
CA ASN A 225 -25.19 8.16 31.47
C ASN A 225 -24.83 7.98 30.00
N LEU A 226 -23.55 7.69 29.75
CA LEU A 226 -23.04 7.73 28.39
C LEU A 226 -23.54 6.59 27.52
N PRO A 227 -23.68 5.39 28.10
CA PRO A 227 -24.20 4.25 27.33
C PRO A 227 -25.63 4.47 26.83
N LEU A 228 -26.46 5.02 27.70
CA LEU A 228 -27.84 5.34 27.32
C LEU A 228 -27.84 6.40 26.22
N GLU A 229 -27.03 7.44 26.44
CA GLU A 229 -26.93 8.53 25.47
C GLU A 229 -26.38 8.01 24.14
N LEU A 230 -25.38 7.13 24.20
CA LEU A 230 -24.83 6.58 22.97
C LEU A 230 -25.93 5.89 22.18
N GLU A 231 -26.83 5.21 22.89
CA GLU A 231 -27.89 4.46 22.23
C GLU A 231 -28.97 5.40 21.72
N ASN A 232 -29.23 6.46 22.48
CA ASN A 232 -30.12 7.51 22.03
C ASN A 232 -29.61 8.05 20.70
N LEU A 233 -28.31 8.36 20.66
CA LEU A 233 -27.68 8.89 19.48
C LEU A 233 -27.72 7.89 18.32
N ARG A 234 -27.57 6.60 18.63
CA ARG A 234 -27.58 5.60 17.57
C ARG A 234 -28.93 5.56 16.88
N SER A 235 -30.01 5.48 17.64
CA SER A 235 -31.32 5.40 17.01
C SER A 235 -31.62 6.70 16.24
N LEU A 236 -31.21 7.83 16.79
CA LEU A 236 -31.39 9.09 16.09
C LEU A 236 -30.67 9.10 14.75
N LEU A 237 -29.49 8.50 14.70
CA LEU A 237 -28.70 8.54 13.48
C LEU A 237 -29.08 7.45 12.49
N GLU A 238 -29.47 6.28 13.00
CA GLU A 238 -29.90 5.18 12.15
C GLU A 238 -31.13 5.57 11.35
N SER A 239 -31.84 6.59 11.83
CA SER A 239 -32.99 7.12 11.11
C SER A 239 -32.57 8.31 10.25
N THR A 240 -31.27 8.51 10.11
CA THR A 240 -30.76 9.63 9.33
C THR A 240 -29.94 9.14 8.14
N PRO A 241 -30.58 9.06 6.96
CA PRO A 241 -29.90 8.63 5.74
C PRO A 241 -28.66 9.48 5.44
N SER A 242 -27.53 8.79 5.27
CA SER A 242 -26.28 9.43 4.87
C SER A 242 -25.42 8.44 4.06
N PRO A 243 -25.09 8.82 2.81
CA PRO A 243 -24.28 7.93 1.97
C PRO A 243 -22.95 7.55 2.59
N VAL A 244 -22.69 6.25 2.69
CA VAL A 244 -21.40 5.77 3.13
C VAL A 244 -20.39 6.04 2.03
N VAL A 245 -19.30 6.71 2.38
CA VAL A 245 -18.23 7.03 1.43
C VAL A 245 -16.89 6.96 2.13
N PHE A 246 -15.82 7.28 1.42
CA PHE A 246 -14.51 7.22 2.08
C PHE A 246 -14.18 8.57 2.72
N CYS A 247 -14.07 8.57 4.05
CA CYS A 247 -14.05 9.81 4.83
C CYS A 247 -12.69 10.08 5.42
N HIS A 248 -12.34 11.36 5.49
CA HIS A 248 -11.12 11.74 6.16
C HIS A 248 -11.26 11.52 7.66
N ASN A 249 -12.40 11.97 8.21
CA ASN A 249 -12.77 11.69 9.60
C ASN A 249 -12.13 12.59 10.64
N ASP A 250 -11.13 13.37 10.24
CA ASP A 250 -10.41 14.23 11.18
C ASP A 250 -10.02 15.50 10.46
N CYS A 251 -10.96 16.08 9.75
CA CYS A 251 -10.64 17.15 8.84
C CYS A 251 -10.66 18.51 9.54
N GLN A 252 -9.67 18.74 10.39
CA GLN A 252 -9.56 19.99 11.13
C GLN A 252 -8.38 20.84 10.61
N GLU A 253 -8.39 22.13 10.95
CA GLU A 253 -7.46 23.08 10.34
C GLU A 253 -6.01 22.61 10.37
N GLY A 254 -5.62 21.89 11.43
CA GLY A 254 -4.26 21.42 11.54
C GLY A 254 -3.89 20.36 10.50
N ASN A 255 -4.91 19.74 9.90
CA ASN A 255 -4.69 18.73 8.88
C ASN A 255 -5.07 19.25 7.49
N ILE A 256 -5.05 20.57 7.32
CA ILE A 256 -5.24 21.14 6.00
C ILE A 256 -4.06 22.07 5.68
N LEU A 257 -3.46 21.89 4.51
CA LEU A 257 -2.30 22.70 4.17
C LEU A 257 -2.64 23.85 3.25
N LEU A 258 -2.15 25.04 3.61
CA LEU A 258 -2.16 26.17 2.67
C LEU A 258 -0.89 26.05 1.85
N LEU A 259 -1.04 25.73 0.58
CA LEU A 259 0.12 25.51 -0.28
C LEU A 259 0.78 26.82 -0.66
N GLU A 260 2.11 26.86 -0.60
CA GLU A 260 2.86 28.06 -0.94
C GLU A 260 2.91 28.31 -2.44
N GLY A 261 2.70 29.56 -2.83
CA GLY A 261 2.68 29.92 -4.22
C GLY A 261 1.31 29.77 -4.84
N ARG A 262 0.33 29.43 -4.00
CA ARG A 262 -1.02 29.14 -4.47
C ARG A 262 -2.06 30.06 -3.82
N GLU A 263 -1.59 30.98 -2.99
CA GLU A 263 -2.46 31.85 -2.19
C GLU A 263 -3.21 32.87 -3.05
N ASN A 264 -3.08 32.73 -4.36
CA ASN A 264 -3.86 33.55 -5.29
C ASN A 264 -4.90 32.71 -6.00
N SER A 265 -4.54 31.48 -6.35
CA SER A 265 -5.50 30.56 -6.93
C SER A 265 -6.72 30.50 -6.02
N GLU A 266 -7.91 30.52 -6.62
CA GLU A 266 -9.13 30.68 -5.84
C GLU A 266 -9.65 29.35 -5.31
N LYS A 267 -9.55 28.31 -6.13
CA LYS A 267 -10.10 27.00 -5.80
C LYS A 267 -9.01 25.93 -5.60
N GLN A 268 -7.74 26.34 -5.66
CA GLN A 268 -6.64 25.39 -5.76
C GLN A 268 -5.42 25.63 -4.86
N LYS A 269 -5.62 26.09 -3.64
CA LYS A 269 -4.49 26.35 -2.77
C LYS A 269 -4.40 25.44 -1.54
N LEU A 270 -5.22 24.40 -1.49
CA LEU A 270 -5.26 23.53 -0.31
C LEU A 270 -5.00 22.05 -0.60
N MET A 271 -4.37 21.36 0.34
CA MET A 271 -4.27 19.89 0.34
C MET A 271 -4.60 19.30 1.72
N LEU A 272 -5.47 18.29 1.73
CA LEU A 272 -5.84 17.58 2.95
C LEU A 272 -4.81 16.50 3.25
N ILE A 273 -4.34 16.45 4.49
CA ILE A 273 -3.32 15.49 4.87
C ILE A 273 -3.69 14.80 6.16
N ASP A 274 -2.78 13.98 6.65
CA ASP A 274 -2.91 13.28 7.92
C ASP A 274 -4.15 12.38 7.93
N PHE A 275 -4.04 11.25 7.26
CA PHE A 275 -5.20 10.41 6.93
C PHE A 275 -5.40 9.28 7.90
N GLU A 276 -4.79 9.41 9.06
CA GLU A 276 -4.67 8.30 9.98
C GLU A 276 -6.01 7.77 10.49
N TYR A 277 -7.08 8.57 10.38
CA TYR A 277 -8.37 8.16 10.93
C TYR A 277 -9.37 7.84 9.83
N SER A 278 -8.90 7.91 8.59
CA SER A 278 -9.75 7.72 7.44
C SER A 278 -10.33 6.32 7.37
N SER A 279 -11.53 6.22 6.81
CA SER A 279 -12.21 4.95 6.65
C SER A 279 -13.55 5.22 5.99
N TYR A 280 -14.18 4.17 5.50
CA TYR A 280 -15.50 4.33 4.91
C TYR A 280 -16.48 4.61 6.06
N ASN A 281 -17.23 5.70 5.91
CA ASN A 281 -18.04 6.26 7.00
C ASN A 281 -19.23 7.00 6.41
N TYR A 282 -20.14 7.41 7.30
CA TYR A 282 -21.23 8.29 6.90
C TYR A 282 -20.68 9.66 6.51
N ARG A 283 -20.96 10.06 5.28
CA ARG A 283 -20.56 11.37 4.80
C ARG A 283 -20.92 12.44 5.83
N GLY A 284 -22.11 12.32 6.39
CA GLY A 284 -22.58 13.29 7.35
C GLY A 284 -21.57 13.53 8.45
N PHE A 285 -20.88 12.49 8.88
CA PHE A 285 -19.87 12.65 9.91
C PHE A 285 -18.73 13.54 9.45
N ASP A 286 -18.23 13.27 8.26
CA ASP A 286 -17.03 13.97 7.80
C ASP A 286 -17.31 15.47 7.75
N ILE A 287 -18.44 15.84 7.15
CA ILE A 287 -18.84 17.24 7.03
C ILE A 287 -19.19 17.86 8.36
N GLY A 288 -20.00 17.17 9.15
CA GLY A 288 -20.35 17.70 10.46
C GLY A 288 -19.18 17.85 11.41
N ASN A 289 -18.24 16.90 11.34
CA ASN A 289 -17.06 16.95 12.19
C ASN A 289 -16.25 18.17 11.83
N HIS A 290 -16.13 18.42 10.53
CA HIS A 290 -15.46 19.64 10.11
C HIS A 290 -16.20 20.91 10.53
N PHE A 291 -17.53 20.91 10.45
CA PHE A 291 -18.26 22.06 10.94
C PHE A 291 -17.93 22.27 12.41
N CYS A 292 -17.90 21.19 13.19
CA CYS A 292 -17.62 21.31 14.60
C CYS A 292 -16.26 21.95 14.83
N GLU A 293 -15.31 21.64 13.96
CA GLU A 293 -13.96 22.15 14.16
C GLU A 293 -13.89 23.67 14.04
N TRP A 294 -14.87 24.28 13.39
CA TRP A 294 -14.90 25.74 13.32
C TRP A 294 -14.87 26.34 14.71
N MET A 295 -15.29 25.56 15.69
CA MET A 295 -15.54 26.05 17.03
C MET A 295 -14.33 25.96 17.96
N TYR A 296 -13.32 25.20 17.56
CA TYR A 296 -12.22 24.91 18.47
C TYR A 296 -10.86 25.41 17.97
N ASP A 297 -10.13 26.08 18.87
CA ASP A 297 -8.83 26.63 18.55
C ASP A 297 -7.78 26.00 19.46
N TYR A 298 -6.85 25.25 18.86
CA TYR A 298 -5.92 24.47 19.65
C TYR A 298 -4.56 25.16 19.76
N SER A 299 -4.44 26.36 19.19
CA SER A 299 -3.20 27.12 19.22
C SER A 299 -3.05 27.87 20.53
N TYR A 300 -4.07 27.76 21.37
CA TYR A 300 -4.09 28.43 22.65
C TYR A 300 -2.92 27.93 23.51
N GLU A 301 -2.22 28.87 24.15
CA GLU A 301 -0.89 28.61 24.69
C GLU A 301 -0.85 28.34 26.18
N LYS A 302 -2.00 28.47 26.83
CA LYS A 302 -2.12 28.12 28.24
C LYS A 302 -3.10 26.97 28.41
N TYR A 303 -2.94 26.21 29.49
CA TYR A 303 -3.89 25.17 29.85
C TYR A 303 -5.30 25.79 29.82
N PRO A 304 -6.30 25.04 29.35
CA PRO A 304 -6.26 23.65 28.85
C PRO A 304 -5.74 23.53 27.44
N PHE A 305 -5.31 24.66 26.89
CA PHE A 305 -4.63 24.69 25.60
C PHE A 305 -5.54 24.62 24.40
N PHE A 306 -6.79 25.05 24.60
CA PHE A 306 -7.69 25.30 23.48
C PHE A 306 -8.72 26.32 23.92
N ARG A 307 -9.45 26.86 22.96
CA ARG A 307 -10.64 27.64 23.23
C ARG A 307 -11.85 27.02 22.53
N ALA A 308 -12.93 26.83 23.28
CA ALA A 308 -14.23 26.47 22.69
C ALA A 308 -15.06 27.73 22.51
N ASN A 309 -15.66 27.90 21.33
CA ASN A 309 -16.60 29.00 21.11
C ASN A 309 -17.79 28.52 20.28
N ILE A 310 -18.88 28.20 20.96
CA ILE A 310 -20.07 27.71 20.28
C ILE A 310 -20.66 28.70 19.29
N ARG A 311 -20.39 29.99 19.46
CA ARG A 311 -20.88 30.99 18.51
C ARG A 311 -20.18 30.95 17.16
N LYS A 312 -19.09 30.19 17.08
CA LYS A 312 -18.28 30.14 15.87
C LYS A 312 -18.72 29.03 14.92
N TYR A 313 -19.62 28.16 15.38
CA TYR A 313 -20.19 27.14 14.52
C TYR A 313 -20.77 27.85 13.31
N PRO A 314 -20.56 27.28 12.10
CA PRO A 314 -21.04 28.01 10.92
C PRO A 314 -22.54 28.27 10.97
N THR A 315 -22.94 29.41 10.42
CA THR A 315 -24.36 29.77 10.30
C THR A 315 -25.00 28.95 9.21
N LYS A 316 -26.32 28.98 9.15
CA LYS A 316 -27.05 28.32 8.08
C LYS A 316 -26.50 28.78 6.74
N LYS A 317 -26.18 30.06 6.63
CA LYS A 317 -25.79 30.61 5.33
C LYS A 317 -24.43 30.07 4.97
N GLN A 318 -23.56 29.96 5.97
CA GLN A 318 -22.21 29.44 5.78
C GLN A 318 -22.20 27.95 5.41
N GLN A 319 -23.04 27.18 6.08
CA GLN A 319 -23.11 25.76 5.81
C GLN A 319 -23.58 25.56 4.38
N LEU A 320 -24.54 26.37 3.96
CA LEU A 320 -25.03 26.27 2.60
C LEU A 320 -23.92 26.62 1.64
N HIS A 321 -23.12 27.62 1.99
CA HIS A 321 -22.04 28.02 1.10
C HIS A 321 -21.08 26.85 0.95
N PHE A 322 -20.81 26.15 2.05
CA PHE A 322 -20.00 24.93 2.01
C PHE A 322 -20.58 23.86 1.10
N ILE A 323 -21.78 23.38 1.41
CA ILE A 323 -22.31 22.22 0.70
C ILE A 323 -22.71 22.58 -0.71
N SER A 324 -22.73 23.87 -1.03
CA SER A 324 -23.02 24.30 -2.39
C SER A 324 -21.80 24.14 -3.29
N SER A 325 -20.61 24.10 -2.68
CA SER A 325 -19.42 23.66 -3.40
C SER A 325 -19.32 22.15 -3.40
N TYR A 326 -19.58 21.54 -2.25
CA TYR A 326 -19.41 20.10 -2.11
C TYR A 326 -20.30 19.37 -3.09
N LEU A 327 -21.55 19.80 -3.21
CA LEU A 327 -22.54 19.01 -3.94
C LEU A 327 -22.23 18.85 -5.42
N PRO A 328 -21.90 19.95 -6.12
CA PRO A 328 -21.53 19.82 -7.53
C PRO A 328 -20.20 19.12 -7.73
N ALA A 329 -19.36 19.15 -6.71
CA ALA A 329 -18.07 18.46 -6.77
C ALA A 329 -18.18 16.96 -6.44
N PHE A 330 -19.33 16.52 -5.97
CA PHE A 330 -19.49 15.14 -5.52
C PHE A 330 -20.38 14.30 -6.45
N GLN A 331 -21.23 14.96 -7.23
CA GLN A 331 -22.00 14.27 -8.24
C GLN A 331 -22.20 15.11 -9.50
N ASN A 332 -22.52 14.43 -10.59
CA ASN A 332 -22.60 15.02 -11.93
C ASN A 332 -23.81 15.92 -12.11
N ASP A 333 -24.95 15.28 -12.31
CA ASP A 333 -26.14 15.94 -12.83
C ASP A 333 -26.61 17.06 -11.91
N PHE A 334 -26.02 17.14 -10.72
CA PHE A 334 -26.51 18.04 -9.69
C PHE A 334 -26.67 19.46 -10.21
N GLU A 335 -25.58 20.01 -10.75
CA GLU A 335 -25.57 21.39 -11.19
C GLU A 335 -26.85 21.79 -11.92
N ASN A 336 -27.42 20.86 -12.70
CA ASN A 336 -28.64 21.15 -13.46
C ASN A 336 -29.83 20.28 -13.08
N LEU A 337 -30.12 20.21 -11.78
CA LEU A 337 -31.40 19.71 -11.30
C LEU A 337 -32.30 20.92 -11.10
N SER A 338 -33.61 20.74 -11.17
CA SER A 338 -34.53 21.85 -10.95
C SER A 338 -34.10 22.59 -9.70
N THR A 339 -34.01 23.91 -9.79
CA THR A 339 -33.62 24.73 -8.65
C THR A 339 -34.53 24.43 -7.47
N GLU A 340 -35.67 23.84 -7.78
CA GLU A 340 -36.64 23.44 -6.77
C GLU A 340 -36.16 22.19 -6.01
N GLU A 341 -35.54 21.25 -6.72
CA GLU A 341 -35.06 20.03 -6.08
C GLU A 341 -33.65 20.20 -5.53
N LYS A 342 -32.92 21.18 -6.05
CA LYS A 342 -31.61 21.49 -5.50
C LYS A 342 -31.78 21.84 -4.04
N SER A 343 -32.81 22.62 -3.74
CA SER A 343 -33.05 23.09 -2.37
C SER A 343 -33.40 21.95 -1.45
N ILE A 344 -34.21 21.04 -1.95
CA ILE A 344 -34.68 19.93 -1.14
C ILE A 344 -33.49 19.10 -0.65
N ILE A 345 -32.54 18.87 -1.54
CA ILE A 345 -31.34 18.09 -1.20
C ILE A 345 -30.48 18.84 -0.18
N LYS A 346 -30.28 20.12 -0.42
CA LYS A 346 -29.50 20.96 0.48
C LYS A 346 -30.09 21.01 1.88
N GLU A 347 -31.40 21.19 1.95
CA GLU A 347 -32.08 21.32 3.23
C GLU A 347 -31.99 20.02 4.03
N GLU A 348 -32.06 18.91 3.30
CA GLU A 348 -31.98 17.58 3.89
C GLU A 348 -30.53 17.32 4.29
N MET A 349 -29.61 17.79 3.47
CA MET A 349 -28.20 17.58 3.72
C MET A 349 -27.76 18.34 4.97
N LEU A 350 -28.40 19.47 5.24
CA LEU A 350 -28.10 20.23 6.45
C LEU A 350 -28.56 19.54 7.73
N LEU A 351 -29.76 18.97 7.73
CA LEU A 351 -30.24 18.17 8.85
C LEU A 351 -29.31 16.99 9.10
N GLU A 352 -28.89 16.38 7.99
CA GLU A 352 -27.98 15.26 8.05
C GLU A 352 -26.64 15.64 8.70
N VAL A 353 -25.98 16.68 8.21
CA VAL A 353 -24.64 16.98 8.70
C VAL A 353 -24.72 17.48 10.13
N ASN A 354 -25.80 18.21 10.42
CA ASN A 354 -25.95 18.80 11.73
C ASN A 354 -26.31 17.75 12.77
N ARG A 355 -27.00 16.70 12.34
CA ARG A 355 -27.24 15.56 13.21
C ARG A 355 -25.97 14.78 13.48
N PHE A 356 -25.22 14.47 12.43
CA PHE A 356 -24.01 13.67 12.58
C PHE A 356 -22.92 14.47 13.26
N ALA A 357 -23.05 15.79 13.28
CA ALA A 357 -22.10 16.62 14.00
C ALA A 357 -22.19 16.25 15.46
N LEU A 358 -23.34 15.69 15.83
CA LEU A 358 -23.54 15.16 17.17
C LEU A 358 -22.59 13.99 17.49
N ALA A 359 -22.32 13.17 16.47
CA ALA A 359 -21.39 12.04 16.65
C ALA A 359 -19.96 12.55 16.81
N SER A 360 -19.65 13.65 16.13
CA SER A 360 -18.34 14.28 16.27
C SER A 360 -18.10 14.71 17.71
N HIS A 361 -19.13 15.29 18.31
CA HIS A 361 -19.01 15.73 19.70
C HIS A 361 -18.81 14.53 20.62
N PHE A 362 -19.58 13.48 20.38
CA PHE A 362 -19.60 12.33 21.27
C PHE A 362 -18.32 11.50 21.11
N LEU A 363 -17.98 11.19 19.87
CA LEU A 363 -16.78 10.44 19.53
C LEU A 363 -15.53 11.09 20.12
N TRP A 364 -15.31 12.35 19.77
CA TRP A 364 -14.05 12.97 20.15
C TRP A 364 -14.05 13.31 21.62
N GLY A 365 -15.24 13.41 22.19
CA GLY A 365 -15.36 13.59 23.63
C GLY A 365 -14.90 12.35 24.36
N LEU A 366 -15.37 11.20 23.88
CA LEU A 366 -14.98 9.91 24.46
C LEU A 366 -13.50 9.65 24.20
N TRP A 367 -13.07 9.91 22.96
CA TRP A 367 -11.66 9.80 22.59
C TRP A 367 -10.81 10.61 23.56
N SER A 368 -11.28 11.82 23.86
CA SER A 368 -10.47 12.76 24.61
C SER A 368 -10.24 12.23 26.01
N ILE A 369 -11.24 11.53 26.53
CA ILE A 369 -11.19 11.00 27.89
C ILE A 369 -10.19 9.85 27.96
N VAL A 370 -10.21 9.00 26.95
CA VAL A 370 -9.20 7.96 26.82
C VAL A 370 -7.79 8.57 26.78
N GLN A 371 -7.60 9.61 25.98
CA GLN A 371 -6.29 10.27 25.87
C GLN A 371 -5.80 10.79 27.22
N ALA A 372 -6.74 11.16 28.09
CA ALA A 372 -6.38 11.72 29.37
C ALA A 372 -5.72 10.65 30.24
N LYS A 373 -6.07 9.39 29.99
CA LYS A 373 -5.48 8.29 30.74
C LYS A 373 -4.15 7.81 30.14
N ILE A 374 -4.06 7.78 28.80
CA ILE A 374 -2.94 7.14 28.14
C ILE A 374 -1.91 8.09 27.54
N SER A 375 -2.31 9.33 27.28
CA SER A 375 -1.42 10.31 26.65
C SER A 375 -0.64 11.13 27.68
N SER A 376 0.58 11.52 27.33
CA SER A 376 1.42 12.33 28.20
C SER A 376 1.56 13.74 27.65
N ILE A 377 1.12 13.93 26.41
CA ILE A 377 1.11 15.22 25.75
C ILE A 377 0.44 16.29 26.62
N GLU A 378 1.04 17.47 26.70
CA GLU A 378 0.48 18.52 27.54
C GLU A 378 -0.75 19.12 26.89
N PHE A 379 -1.92 18.68 27.34
CA PHE A 379 -3.17 19.16 26.80
C PHE A 379 -4.30 18.85 27.77
N GLY A 380 -5.20 19.82 27.96
CA GLY A 380 -6.28 19.60 28.91
C GLY A 380 -7.36 18.70 28.34
N TYR A 381 -7.04 17.42 28.16
CA TYR A 381 -7.97 16.50 27.50
C TYR A 381 -9.33 16.43 28.18
N MET A 382 -9.32 16.44 29.50
CA MET A 382 -10.56 16.35 30.27
C MET A 382 -11.39 17.61 30.08
N ASP A 383 -10.75 18.77 30.14
CA ASP A 383 -11.47 20.01 29.93
C ASP A 383 -12.04 20.03 28.50
N TYR A 384 -11.28 19.47 27.57
CA TYR A 384 -11.74 19.39 26.18
C TYR A 384 -12.83 18.33 26.02
N ALA A 385 -12.82 17.34 26.90
CA ALA A 385 -13.90 16.36 26.92
C ALA A 385 -15.22 17.05 27.26
N GLN A 386 -15.22 17.78 28.38
CA GLN A 386 -16.41 18.49 28.84
C GLN A 386 -16.89 19.43 27.73
N ALA A 387 -15.96 20.11 27.08
CA ALA A 387 -16.34 21.10 26.08
C ALA A 387 -17.14 20.43 24.98
N ARG A 388 -16.70 19.25 24.53
CA ARG A 388 -17.38 18.56 23.45
C ARG A 388 -18.76 18.06 23.86
N PHE A 389 -18.92 17.69 25.13
CA PHE A 389 -20.21 17.24 25.61
C PHE A 389 -21.16 18.40 25.91
N ASP A 390 -20.60 19.54 26.30
CA ASP A 390 -21.37 20.77 26.33
C ASP A 390 -21.96 21.06 24.96
N ALA A 391 -21.12 21.02 23.93
CA ALA A 391 -21.57 21.32 22.58
C ALA A 391 -22.60 20.28 22.17
N TYR A 392 -22.37 19.05 22.60
CA TYR A 392 -23.27 17.97 22.24
C TYR A 392 -24.68 18.30 22.67
N PHE A 393 -24.84 18.61 23.96
CA PHE A 393 -26.16 18.84 24.52
C PHE A 393 -26.72 20.18 24.05
N HIS A 394 -25.86 21.19 23.94
CA HIS A 394 -26.29 22.46 23.40
C HIS A 394 -26.77 22.31 21.95
N GLN A 395 -26.05 21.53 21.16
CA GLN A 395 -26.44 21.22 19.79
C GLN A 395 -27.76 20.43 19.76
N LYS A 396 -27.92 19.53 20.74
CA LYS A 396 -29.17 18.78 20.91
C LYS A 396 -30.34 19.75 21.05
N ARG A 397 -30.21 20.68 22.00
CA ARG A 397 -31.28 21.62 22.30
C ARG A 397 -31.58 22.50 21.09
N LYS A 398 -30.61 22.65 20.21
CA LYS A 398 -30.82 23.44 19.00
C LYS A 398 -31.69 22.69 18.01
N LEU A 399 -31.54 21.37 17.96
CA LEU A 399 -32.18 20.57 16.93
C LEU A 399 -33.52 19.99 17.37
N GLY A 400 -33.86 20.21 18.63
CA GLY A 400 -35.11 19.68 19.13
C GLY A 400 -35.11 18.16 19.21
N VAL A 401 -33.97 17.55 18.94
CA VAL A 401 -33.83 16.11 19.09
C VAL A 401 -33.35 15.75 20.50
N GLN B 26 -15.67 -26.88 -6.30
CA GLN B 26 -16.33 -26.24 -5.12
C GLN B 26 -15.52 -26.42 -3.84
N PRO B 27 -15.54 -25.39 -2.97
CA PRO B 27 -14.83 -25.32 -1.68
C PRO B 27 -15.61 -25.91 -0.50
N GLU B 28 -14.99 -25.88 0.68
CA GLU B 28 -15.64 -26.34 1.91
C GLU B 28 -16.50 -25.23 2.52
N PRO B 29 -17.46 -25.60 3.38
CA PRO B 29 -18.45 -24.66 3.92
C PRO B 29 -17.80 -23.57 4.80
N ARG B 30 -16.61 -23.83 5.34
CA ARG B 30 -16.00 -23.02 6.37
C ARG B 30 -15.23 -21.83 5.82
N THR B 31 -15.55 -21.44 4.61
CA THR B 31 -14.75 -20.48 3.90
C THR B 31 -15.66 -19.83 2.86
N ARG B 32 -16.64 -20.61 2.42
CA ARG B 32 -17.61 -20.14 1.45
C ARG B 32 -18.36 -18.97 2.05
N ARG B 33 -18.51 -18.98 3.37
CA ARG B 33 -19.11 -17.86 4.09
C ARG B 33 -18.13 -16.71 4.20
N ARG B 34 -16.95 -16.98 4.77
CA ARG B 34 -15.95 -15.95 4.95
C ARG B 34 -15.76 -15.19 3.64
N ALA B 35 -15.77 -15.93 2.53
CA ALA B 35 -15.59 -15.37 1.21
C ALA B 35 -16.79 -14.51 0.83
N TYR B 36 -17.97 -14.96 1.22
CA TYR B 36 -19.19 -14.23 0.93
C TYR B 36 -19.15 -12.89 1.66
N LEU B 37 -18.70 -12.93 2.91
CA LEU B 37 -18.67 -11.71 3.73
C LEU B 37 -17.64 -10.73 3.20
N TRP B 38 -16.43 -11.24 2.93
CA TRP B 38 -15.39 -10.43 2.34
C TRP B 38 -15.87 -9.77 1.06
N CYS B 39 -16.65 -10.49 0.25
CA CYS B 39 -17.11 -9.93 -1.00
C CYS B 39 -18.26 -8.95 -0.79
N LYS B 40 -19.20 -9.29 0.08
CA LYS B 40 -20.34 -8.41 0.31
C LYS B 40 -19.86 -7.07 0.82
N GLU B 41 -18.80 -7.11 1.63
CA GLU B 41 -18.35 -5.97 2.40
C GLU B 41 -17.27 -5.10 1.74
N PHE B 42 -16.47 -5.69 0.86
CA PHE B 42 -15.40 -4.94 0.21
C PHE B 42 -15.75 -4.48 -1.20
N LEU B 43 -16.70 -5.16 -1.83
CA LEU B 43 -17.04 -4.82 -3.21
C LEU B 43 -18.30 -3.96 -3.28
N PRO B 44 -18.30 -2.96 -4.18
CA PRO B 44 -19.43 -2.08 -4.48
C PRO B 44 -20.51 -2.79 -5.34
N GLY B 45 -21.53 -2.05 -5.74
CA GLY B 45 -22.50 -2.59 -6.68
C GLY B 45 -23.40 -3.70 -6.15
N ALA B 46 -23.82 -4.59 -7.04
CA ALA B 46 -24.70 -5.69 -6.66
C ALA B 46 -24.19 -6.37 -5.40
N TRP B 47 -22.87 -6.37 -5.24
CA TRP B 47 -22.22 -7.09 -4.16
C TRP B 47 -22.73 -6.65 -2.79
N ARG B 48 -23.34 -5.48 -2.75
CA ARG B 48 -23.74 -4.88 -1.49
C ARG B 48 -24.97 -5.56 -0.91
N GLY B 49 -25.94 -5.88 -1.76
CA GLY B 49 -27.16 -6.49 -1.29
C GLY B 49 -27.22 -8.00 -1.47
N LEU B 50 -26.12 -8.60 -1.92
CA LEU B 50 -26.10 -10.00 -2.32
C LEU B 50 -26.43 -10.94 -1.16
N ARG B 51 -27.35 -11.88 -1.41
CA ARG B 51 -27.73 -12.88 -0.42
C ARG B 51 -26.76 -14.07 -0.44
N GLU B 52 -26.58 -14.71 0.71
CA GLU B 52 -25.61 -15.79 0.81
C GLU B 52 -25.87 -16.89 -0.21
N ASP B 53 -27.13 -17.02 -0.62
CA ASP B 53 -27.53 -18.05 -1.57
C ASP B 53 -27.48 -17.55 -3.01
N GLU B 54 -26.95 -16.35 -3.18
CA GLU B 54 -26.69 -15.84 -4.53
C GLU B 54 -25.20 -15.90 -4.85
N PHE B 55 -24.39 -16.18 -3.83
CA PHE B 55 -22.94 -16.15 -3.94
C PHE B 55 -22.40 -17.40 -4.64
N HIS B 56 -21.64 -17.18 -5.72
CA HIS B 56 -20.93 -18.25 -6.40
C HIS B 56 -19.44 -18.21 -6.11
N ILE B 57 -18.88 -19.33 -5.68
CA ILE B 57 -17.45 -19.42 -5.45
C ILE B 57 -16.92 -20.82 -5.74
N SER B 58 -15.86 -20.89 -6.55
CA SER B 58 -15.27 -22.15 -6.96
C SER B 58 -13.75 -22.06 -6.85
N VAL B 59 -13.09 -23.16 -6.53
CA VAL B 59 -11.65 -23.14 -6.34
C VAL B 59 -10.89 -22.99 -7.67
N ILE B 60 -9.80 -22.22 -7.62
CA ILE B 60 -8.86 -22.10 -8.74
C ILE B 60 -7.59 -22.90 -8.43
N ARG B 61 -7.07 -22.70 -7.23
CA ARG B 61 -5.96 -23.50 -6.71
C ARG B 61 -6.19 -23.70 -5.21
N GLY B 62 -6.34 -24.96 -4.79
CA GLY B 62 -6.44 -25.24 -3.38
C GLY B 62 -5.10 -25.05 -2.71
N GLY B 63 -4.72 -26.01 -1.88
CA GLY B 63 -3.39 -25.97 -1.26
C GLY B 63 -3.42 -25.42 0.15
N LEU B 64 -2.23 -25.12 0.68
CA LEU B 64 -2.09 -24.73 2.08
C LEU B 64 -1.91 -23.22 2.24
N SER B 65 -1.16 -22.61 1.32
CA SER B 65 -0.95 -21.17 1.34
C SER B 65 -1.23 -20.57 -0.05
N ASN B 66 -1.72 -19.33 -0.06
CA ASN B 66 -2.19 -18.70 -1.30
C ASN B 66 -3.17 -19.61 -2.06
N MET B 67 -4.28 -19.95 -1.41
CA MET B 67 -5.39 -20.63 -2.06
C MET B 67 -6.16 -19.61 -2.89
N LEU B 68 -6.38 -19.93 -4.16
CA LEU B 68 -7.10 -19.03 -5.06
C LEU B 68 -8.55 -19.46 -5.22
N PHE B 69 -9.44 -18.47 -5.38
CA PHE B 69 -10.85 -18.72 -5.59
C PHE B 69 -11.41 -17.75 -6.62
N GLN B 70 -12.52 -18.13 -7.24
CA GLN B 70 -13.19 -17.30 -8.22
C GLN B 70 -14.61 -17.00 -7.75
N CYS B 71 -14.85 -15.77 -7.34
CA CYS B 71 -16.12 -15.37 -6.77
C CYS B 71 -16.87 -14.53 -7.80
N SER B 72 -18.13 -14.86 -8.04
CA SER B 72 -18.86 -14.20 -9.11
C SER B 72 -20.33 -13.97 -8.79
N LEU B 73 -20.91 -12.98 -9.47
CA LEU B 73 -22.32 -12.65 -9.32
C LEU B 73 -23.16 -13.66 -10.08
N PRO B 74 -24.42 -13.87 -9.65
CA PRO B 74 -25.34 -14.63 -10.49
C PRO B 74 -25.36 -14.04 -11.89
N ASP B 75 -25.25 -14.89 -12.91
CA ASP B 75 -25.31 -14.41 -14.29
C ASP B 75 -26.65 -13.69 -14.45
N THR B 76 -27.61 -14.09 -13.62
CA THR B 76 -28.95 -13.52 -13.62
C THR B 76 -29.02 -12.23 -12.83
N THR B 77 -27.86 -11.73 -12.36
CA THR B 77 -27.82 -10.47 -11.64
C THR B 77 -27.14 -9.38 -12.45
N ALA B 78 -27.81 -8.24 -12.61
CA ALA B 78 -27.25 -7.13 -13.36
C ALA B 78 -26.43 -6.23 -12.44
N THR B 79 -25.28 -5.78 -12.92
CA THR B 79 -24.39 -4.92 -12.16
C THR B 79 -24.97 -3.52 -12.07
N LEU B 80 -24.84 -2.89 -10.92
CA LEU B 80 -25.41 -1.57 -10.71
C LEU B 80 -24.50 -0.48 -11.25
N GLY B 81 -23.20 -0.62 -11.01
CA GLY B 81 -22.25 0.40 -11.43
C GLY B 81 -21.16 -0.13 -12.36
N ASP B 82 -19.92 0.13 -12.02
CA ASP B 82 -18.79 -0.40 -12.78
C ASP B 82 -18.03 -1.43 -11.96
N GLU B 83 -18.71 -1.98 -10.96
CA GLU B 83 -18.12 -3.01 -10.11
C GLU B 83 -17.85 -4.25 -10.96
N PRO B 84 -16.89 -5.09 -10.52
CA PRO B 84 -16.56 -6.33 -11.23
C PRO B 84 -17.64 -7.40 -11.10
N ARG B 85 -17.89 -8.12 -12.19
CA ARG B 85 -18.78 -9.27 -12.13
C ARG B 85 -18.08 -10.43 -11.42
N LYS B 86 -16.79 -10.59 -11.70
CA LYS B 86 -16.04 -11.73 -11.21
C LYS B 86 -14.71 -11.24 -10.60
N VAL B 87 -14.35 -11.80 -9.44
CA VAL B 87 -13.12 -11.41 -8.75
C VAL B 87 -12.32 -12.59 -8.22
N LEU B 88 -11.01 -12.38 -8.10
CA LEU B 88 -10.14 -13.39 -7.55
C LEU B 88 -9.94 -13.14 -6.06
N LEU B 89 -10.12 -14.18 -5.26
CA LEU B 89 -9.86 -14.09 -3.83
C LEU B 89 -8.63 -14.92 -3.47
N ARG B 90 -7.69 -14.30 -2.78
CA ARG B 90 -6.44 -14.94 -2.42
C ARG B 90 -6.37 -15.02 -0.90
N LEU B 91 -6.26 -16.23 -0.38
CA LEU B 91 -6.06 -16.41 1.05
C LEU B 91 -4.59 -16.68 1.35
N TYR B 92 -4.02 -15.95 2.30
CA TYR B 92 -2.62 -16.10 2.61
C TYR B 92 -2.36 -17.49 3.19
N GLY B 93 -3.27 -17.95 4.05
CA GLY B 93 -3.19 -19.27 4.62
C GLY B 93 -2.02 -19.51 5.55
N ALA B 94 -1.12 -20.36 5.07
CA ALA B 94 0.02 -20.90 5.82
C ALA B 94 1.16 -19.90 5.98
N ALA B 120 8.66 -8.09 4.74
CA ALA B 120 7.37 -8.54 4.20
C ALA B 120 6.22 -7.89 4.94
N MET B 121 5.01 -8.30 4.58
CA MET B 121 3.83 -8.00 5.38
C MET B 121 3.22 -6.68 4.91
N VAL B 122 3.85 -5.58 5.26
CA VAL B 122 3.41 -4.25 4.83
C VAL B 122 3.93 -3.90 3.45
N LEU B 123 5.16 -4.31 3.15
CA LEU B 123 5.77 -4.00 1.87
C LEU B 123 4.99 -4.67 0.75
N GLU B 124 4.76 -5.96 0.91
CA GLU B 124 4.06 -6.73 -0.12
C GLU B 124 2.73 -6.08 -0.47
N SER B 125 2.02 -5.56 0.52
CA SER B 125 0.73 -4.96 0.27
C SER B 125 0.84 -3.58 -0.40
N VAL B 126 1.81 -2.78 0.05
CA VAL B 126 1.99 -1.48 -0.57
C VAL B 126 2.31 -1.70 -2.02
N MET B 127 3.21 -2.65 -2.28
CA MET B 127 3.66 -2.88 -3.63
C MET B 127 2.51 -3.24 -4.54
N PHE B 128 1.67 -4.17 -4.08
CA PHE B 128 0.57 -4.62 -4.92
C PHE B 128 -0.36 -3.46 -5.18
N ALA B 129 -0.71 -2.72 -4.14
CA ALA B 129 -1.57 -1.54 -4.31
C ALA B 129 -1.00 -0.64 -5.39
N ILE B 130 0.32 -0.41 -5.32
CA ILE B 130 0.98 0.48 -6.27
C ILE B 130 0.94 -0.03 -7.71
N LEU B 131 1.37 -1.27 -7.94
CA LEU B 131 1.35 -1.84 -9.29
C LEU B 131 -0.07 -1.83 -9.84
N ALA B 132 -1.03 -2.13 -8.98
CA ALA B 132 -2.42 -1.96 -9.37
C ALA B 132 -2.73 -0.48 -9.71
N GLU B 133 -2.28 0.46 -8.90
CA GLU B 133 -2.56 1.86 -9.23
C GLU B 133 -1.93 2.26 -10.57
N ARG B 134 -0.80 1.66 -10.93
CA ARG B 134 -0.14 2.01 -12.19
C ARG B 134 -0.59 1.16 -13.37
N SER B 135 -1.47 0.20 -13.11
CA SER B 135 -1.93 -0.72 -14.16
C SER B 135 -0.85 -1.65 -14.65
N LEU B 136 0.11 -1.98 -13.80
CA LEU B 136 1.00 -3.09 -14.08
C LEU B 136 0.43 -4.39 -13.53
N GLY B 137 -0.30 -4.29 -12.43
CA GLY B 137 -0.85 -5.48 -11.81
C GLY B 137 -2.36 -5.56 -11.84
N PRO B 138 -2.91 -6.69 -11.37
CA PRO B 138 -4.35 -6.80 -11.20
C PRO B 138 -4.81 -5.70 -10.27
N LYS B 139 -5.98 -5.13 -10.52
CA LYS B 139 -6.54 -4.15 -9.60
C LYS B 139 -6.71 -4.78 -8.22
N LEU B 140 -6.59 -3.95 -7.18
CA LEU B 140 -6.74 -4.43 -5.81
C LEU B 140 -8.12 -3.99 -5.30
N TYR B 141 -9.04 -4.94 -5.15
CA TYR B 141 -10.41 -4.60 -4.82
C TYR B 141 -10.67 -4.58 -3.34
N GLY B 142 -9.92 -5.36 -2.59
CA GLY B 142 -10.12 -5.37 -1.16
C GLY B 142 -8.94 -6.01 -0.47
N ILE B 143 -8.56 -5.48 0.68
CA ILE B 143 -7.38 -5.97 1.37
C ILE B 143 -7.66 -6.14 2.86
N PHE B 144 -7.29 -7.30 3.40
CA PHE B 144 -7.58 -7.62 4.80
C PHE B 144 -6.54 -8.57 5.36
N PRO B 145 -6.55 -8.81 6.68
CA PRO B 145 -5.45 -9.49 7.38
C PRO B 145 -5.12 -10.87 6.84
N GLN B 146 -6.14 -11.64 6.48
CA GLN B 146 -5.93 -13.01 6.05
C GLN B 146 -6.15 -13.23 4.55
N GLY B 147 -5.75 -12.26 3.73
CA GLY B 147 -5.86 -12.41 2.29
C GLY B 147 -6.33 -11.14 1.62
N ARG B 148 -6.61 -11.20 0.32
CA ARG B 148 -7.12 -10.03 -0.39
C ARG B 148 -7.96 -10.36 -1.62
N LEU B 149 -8.81 -9.42 -2.02
CA LEU B 149 -9.59 -9.52 -3.24
C LEU B 149 -8.89 -8.78 -4.36
N GLU B 150 -8.68 -9.47 -5.48
CA GLU B 150 -8.01 -8.89 -6.65
C GLU B 150 -8.87 -9.01 -7.91
N GLN B 151 -8.55 -8.22 -8.92
CA GLN B 151 -9.19 -8.35 -10.22
C GLN B 151 -9.01 -9.78 -10.76
N PHE B 152 -10.05 -10.34 -11.33
CA PHE B 152 -9.94 -11.64 -12.00
C PHE B 152 -9.59 -11.35 -13.45
N ILE B 153 -8.47 -11.89 -13.90
CA ILE B 153 -8.03 -11.68 -15.28
C ILE B 153 -8.25 -12.95 -16.08
N PRO B 154 -9.22 -12.93 -17.01
CA PRO B 154 -9.44 -14.06 -17.92
C PRO B 154 -8.17 -14.35 -18.71
N SER B 155 -7.60 -15.52 -18.47
CA SER B 155 -6.26 -15.80 -18.98
C SER B 155 -5.80 -17.22 -18.68
N ARG B 156 -4.65 -17.58 -19.22
CA ARG B 156 -3.94 -18.78 -18.81
C ARG B 156 -2.45 -18.45 -18.65
N ARG B 157 -1.73 -19.34 -17.99
CA ARG B 157 -0.31 -19.19 -17.81
C ARG B 157 0.46 -19.68 -19.03
N LEU B 158 1.61 -19.06 -19.30
CA LEU B 158 2.49 -19.58 -20.32
C LEU B 158 3.05 -20.93 -19.91
N ASP B 159 3.15 -21.82 -20.89
CA ASP B 159 3.93 -23.05 -20.75
C ASP B 159 5.39 -22.72 -21.03
N THR B 160 6.28 -23.54 -20.49
CA THR B 160 7.73 -23.33 -20.63
C THR B 160 8.17 -23.05 -22.07
N GLU B 161 7.65 -23.81 -23.02
CA GLU B 161 8.15 -23.72 -24.39
C GLU B 161 7.76 -22.41 -25.05
N GLU B 162 6.63 -21.84 -24.65
CA GLU B 162 6.22 -20.55 -25.19
C GLU B 162 7.22 -19.44 -24.90
N LEU B 163 7.98 -19.56 -23.83
CA LEU B 163 8.95 -18.53 -23.49
C LEU B 163 9.86 -18.25 -24.66
N SER B 164 10.02 -19.22 -25.56
CA SER B 164 11.00 -19.09 -26.62
C SER B 164 10.42 -18.63 -27.95
N LEU B 165 9.09 -18.55 -28.04
CA LEU B 165 8.50 -17.95 -29.23
C LEU B 165 8.99 -16.51 -29.28
N PRO B 166 9.54 -16.10 -30.42
CA PRO B 166 10.12 -14.75 -30.60
C PRO B 166 9.19 -13.62 -30.14
N ASP B 167 7.91 -13.76 -30.47
CA ASP B 167 6.91 -12.79 -30.05
C ASP B 167 6.69 -12.75 -28.54
N ILE B 168 6.62 -13.92 -27.93
CA ILE B 168 6.37 -13.98 -26.51
C ILE B 168 7.56 -13.44 -25.73
N SER B 169 8.76 -13.78 -26.17
CA SER B 169 9.93 -13.43 -25.41
C SER B 169 10.32 -11.99 -25.69
N ALA B 170 9.78 -11.42 -26.76
CA ALA B 170 9.97 -10.00 -27.03
C ALA B 170 9.11 -9.18 -26.06
N GLU B 171 7.86 -9.59 -25.85
CA GLU B 171 6.98 -8.85 -24.97
C GLU B 171 7.45 -8.95 -23.52
N ILE B 172 7.89 -10.14 -23.11
CA ILE B 172 8.38 -10.35 -21.75
C ILE B 172 9.57 -9.42 -21.49
N ALA B 173 10.43 -9.27 -22.48
CA ALA B 173 11.59 -8.38 -22.35
C ALA B 173 11.06 -6.96 -22.13
N GLU B 174 10.12 -6.57 -22.98
CA GLU B 174 9.55 -5.25 -22.91
C GLU B 174 8.91 -5.03 -21.53
N LYS B 175 8.06 -5.96 -21.10
CA LYS B 175 7.36 -5.82 -19.82
C LYS B 175 8.33 -5.82 -18.63
N MET B 176 9.33 -6.69 -18.66
CA MET B 176 10.33 -6.69 -17.61
C MET B 176 11.06 -5.34 -17.57
N ALA B 177 11.37 -4.80 -18.74
CA ALA B 177 12.04 -3.50 -18.81
C ALA B 177 11.19 -2.41 -18.17
N THR B 178 9.90 -2.46 -18.45
CA THR B 178 8.97 -1.48 -17.92
C THR B 178 8.90 -1.65 -16.42
N PHE B 179 8.75 -2.90 -15.98
CA PHE B 179 8.76 -3.20 -14.56
C PHE B 179 9.99 -2.55 -13.91
N HIS B 180 11.11 -2.55 -14.64
CA HIS B 180 12.40 -2.16 -14.09
C HIS B 180 12.57 -0.66 -13.92
N GLY B 181 11.77 0.12 -14.65
CA GLY B 181 11.89 1.55 -14.57
C GLY B 181 11.09 2.13 -13.41
N MET B 182 10.24 1.32 -12.79
CA MET B 182 9.38 1.80 -11.72
C MET B 182 10.09 2.19 -10.43
N LYS B 183 9.69 3.34 -9.87
CA LYS B 183 10.15 3.73 -8.54
C LYS B 183 9.21 3.09 -7.53
N MET B 184 9.78 2.49 -6.49
CA MET B 184 9.00 1.94 -5.40
C MET B 184 9.61 2.43 -4.09
N PRO B 185 8.78 2.59 -3.06
CA PRO B 185 9.21 3.18 -1.79
C PRO B 185 10.09 2.28 -0.96
N PHE B 186 10.89 1.44 -1.61
CA PHE B 186 11.70 0.44 -0.90
C PHE B 186 13.19 0.69 -0.98
N ASN B 187 13.91 -0.02 -0.13
CA ASN B 187 15.35 0.14 -0.04
C ASN B 187 16.00 -0.16 -1.38
N LYS B 188 16.86 0.76 -1.83
CA LYS B 188 17.43 0.70 -3.17
C LYS B 188 18.83 0.09 -3.13
N GLU B 189 19.34 -0.14 -1.93
CA GLU B 189 20.60 -0.83 -1.74
C GLU B 189 20.39 -2.29 -2.16
N PRO B 190 21.22 -2.79 -3.08
CA PRO B 190 21.07 -4.15 -3.62
C PRO B 190 21.49 -5.28 -2.67
N LYS B 191 20.83 -5.36 -1.51
CA LYS B 191 21.16 -6.36 -0.48
C LYS B 191 20.49 -7.70 -0.76
N TRP B 192 19.37 -7.68 -1.47
CA TRP B 192 18.50 -8.85 -1.60
C TRP B 192 19.21 -10.12 -2.07
N LEU B 193 20.08 -10.01 -3.07
CA LEU B 193 20.60 -11.21 -3.75
C LEU B 193 21.45 -12.09 -2.84
N PHE B 194 22.54 -11.54 -2.33
CA PHE B 194 23.42 -12.30 -1.46
C PHE B 194 22.90 -12.33 -0.03
N GLY B 195 22.05 -11.37 0.32
CA GLY B 195 21.41 -11.40 1.61
C GLY B 195 20.50 -12.59 1.73
N THR B 196 19.84 -12.97 0.64
CA THR B 196 18.91 -14.09 0.68
C THR B 196 19.67 -15.39 0.54
N MET B 197 20.78 -15.35 -0.19
CA MET B 197 21.54 -16.56 -0.40
C MET B 197 22.24 -16.97 0.89
N GLU B 198 22.63 -15.98 1.68
CA GLU B 198 23.21 -16.24 2.99
C GLU B 198 22.14 -16.77 3.96
N LYS B 199 20.97 -16.15 3.96
CA LYS B 199 19.87 -16.62 4.80
C LYS B 199 19.59 -18.10 4.50
N TYR B 200 19.60 -18.46 3.22
CA TYR B 200 19.26 -19.82 2.83
C TYR B 200 20.40 -20.78 3.15
N LEU B 201 21.61 -20.38 2.83
CA LEU B 201 22.76 -21.24 3.08
C LEU B 201 22.86 -21.64 4.54
N LYS B 202 22.54 -20.69 5.43
CA LYS B 202 22.64 -20.90 6.85
C LYS B 202 21.53 -21.87 7.27
N GLU B 203 20.35 -21.68 6.69
CA GLU B 203 19.26 -22.63 6.87
C GLU B 203 19.68 -24.05 6.46
N VAL B 204 20.37 -24.16 5.31
CA VAL B 204 20.72 -25.45 4.74
C VAL B 204 21.78 -26.18 5.57
N LEU B 205 22.73 -25.42 6.08
CA LEU B 205 23.77 -25.99 6.90
C LEU B 205 23.21 -26.36 8.26
N ARG B 206 21.94 -26.01 8.49
CA ARG B 206 21.23 -26.38 9.71
C ARG B 206 20.22 -27.49 9.46
N ILE B 207 19.83 -27.69 8.20
CA ILE B 207 18.80 -28.67 7.90
C ILE B 207 19.26 -30.08 8.23
N LYS B 208 18.42 -30.82 8.92
CA LYS B 208 18.68 -32.23 9.16
C LYS B 208 17.49 -33.04 8.67
N PHE B 209 17.74 -33.96 7.75
CA PHE B 209 16.68 -34.78 7.17
C PHE B 209 16.52 -36.14 7.86
N THR B 210 15.29 -36.64 7.88
CA THR B 210 14.97 -37.91 8.50
C THR B 210 15.20 -39.08 7.56
N GLU B 211 14.52 -39.07 6.41
CA GLU B 211 14.60 -40.22 5.50
C GLU B 211 15.96 -40.29 4.81
N GLU B 212 16.48 -41.50 4.71
CA GLU B 212 17.84 -41.76 4.23
C GLU B 212 18.14 -41.08 2.88
N SER B 213 17.15 -41.05 2.00
CA SER B 213 17.35 -40.51 0.66
C SER B 213 17.71 -39.04 0.72
N ARG B 214 16.88 -38.25 1.41
CA ARG B 214 17.11 -36.83 1.51
C ARG B 214 18.46 -36.57 2.14
N ILE B 215 18.84 -37.45 3.08
CA ILE B 215 20.14 -37.37 3.72
C ILE B 215 21.26 -37.56 2.70
N LYS B 216 21.17 -38.62 1.90
CA LYS B 216 22.10 -38.85 0.79
C LYS B 216 22.20 -37.61 -0.10
N LYS B 217 21.06 -37.18 -0.64
CA LYS B 217 21.04 -36.05 -1.56
C LYS B 217 21.59 -34.76 -0.93
N LEU B 218 21.13 -34.42 0.27
CA LEU B 218 21.64 -33.23 0.96
C LEU B 218 23.15 -33.34 1.12
N HIS B 219 23.61 -34.58 1.26
CA HIS B 219 25.03 -34.87 1.44
C HIS B 219 25.79 -34.71 0.12
N LYS B 220 25.14 -35.01 -1.00
CA LYS B 220 25.80 -34.81 -2.27
C LYS B 220 25.89 -33.30 -2.54
N LEU B 221 24.86 -32.57 -2.12
CA LEU B 221 24.84 -31.12 -2.30
C LEU B 221 25.87 -30.41 -1.41
N LEU B 222 25.87 -30.73 -0.13
CA LEU B 222 26.83 -30.16 0.82
C LEU B 222 28.28 -30.39 0.41
N SER B 223 28.54 -31.45 -0.35
CA SER B 223 29.89 -31.80 -0.76
C SER B 223 30.46 -30.91 -1.85
N TYR B 224 29.68 -29.97 -2.38
CA TYR B 224 30.23 -28.98 -3.29
C TYR B 224 30.90 -27.86 -2.52
N ASN B 225 30.69 -27.84 -1.21
CA ASN B 225 31.25 -26.80 -0.34
C ASN B 225 30.59 -25.46 -0.64
N LEU B 226 29.28 -25.42 -0.43
CA LEU B 226 28.47 -24.26 -0.75
C LEU B 226 29.06 -22.94 -0.24
N PRO B 227 29.60 -22.94 0.99
CA PRO B 227 30.13 -21.72 1.61
C PRO B 227 31.29 -21.15 0.83
N LEU B 228 32.15 -22.02 0.32
CA LEU B 228 33.28 -21.57 -0.49
C LEU B 228 32.80 -21.16 -1.89
N GLU B 229 31.76 -21.84 -2.37
CA GLU B 229 31.28 -21.60 -3.72
C GLU B 229 30.57 -20.25 -3.77
N LEU B 230 29.79 -19.97 -2.74
CA LEU B 230 29.14 -18.69 -2.62
C LEU B 230 30.14 -17.54 -2.76
N GLU B 231 31.30 -17.67 -2.13
CA GLU B 231 32.32 -16.63 -2.22
C GLU B 231 32.94 -16.50 -3.62
N ASN B 232 33.08 -17.62 -4.33
CA ASN B 232 33.61 -17.57 -5.68
C ASN B 232 32.61 -16.81 -6.54
N LEU B 233 31.33 -17.03 -6.25
CA LEU B 233 30.24 -16.38 -6.95
C LEU B 233 30.23 -14.87 -6.70
N ARG B 234 30.45 -14.48 -5.44
CA ARG B 234 30.38 -13.07 -5.07
C ARG B 234 31.49 -12.32 -5.77
N SER B 235 32.66 -12.93 -5.78
CA SER B 235 33.83 -12.33 -6.40
C SER B 235 33.53 -12.12 -7.88
N LEU B 236 32.74 -13.02 -8.46
CA LEU B 236 32.45 -12.93 -9.88
C LEU B 236 31.45 -11.80 -10.14
N LEU B 237 30.40 -11.74 -9.33
CA LEU B 237 29.35 -10.77 -9.60
C LEU B 237 29.78 -9.37 -9.21
N GLU B 238 30.59 -9.29 -8.15
CA GLU B 238 31.12 -8.01 -7.74
C GLU B 238 31.90 -7.32 -8.85
N SER B 239 32.59 -8.10 -9.68
CA SER B 239 33.30 -7.52 -10.82
C SER B 239 32.43 -7.49 -12.07
N THR B 240 31.13 -7.74 -11.90
CA THR B 240 30.22 -7.68 -13.04
C THR B 240 29.20 -6.57 -12.93
N PRO B 241 29.44 -5.44 -13.61
CA PRO B 241 28.52 -4.30 -13.53
C PRO B 241 27.09 -4.71 -13.88
N SER B 242 26.13 -4.28 -13.05
CA SER B 242 24.73 -4.46 -13.35
C SER B 242 23.90 -3.43 -12.60
N PRO B 243 23.13 -2.62 -13.33
CA PRO B 243 22.35 -1.58 -12.65
C PRO B 243 21.31 -2.19 -11.70
N VAL B 244 21.13 -1.53 -10.56
CA VAL B 244 20.12 -1.94 -9.62
C VAL B 244 18.79 -1.36 -10.07
N VAL B 245 17.75 -2.17 -10.02
CA VAL B 245 16.43 -1.73 -10.46
C VAL B 245 15.40 -2.52 -9.68
N PHE B 246 14.13 -2.19 -9.86
CA PHE B 246 13.08 -2.97 -9.22
C PHE B 246 12.87 -4.24 -10.03
N CYS B 247 13.28 -5.38 -9.48
CA CYS B 247 13.24 -6.65 -10.20
C CYS B 247 12.04 -7.47 -9.78
N HIS B 248 11.50 -8.25 -10.70
CA HIS B 248 10.40 -9.14 -10.38
C HIS B 248 10.96 -10.35 -9.62
N ASN B 249 12.16 -10.77 -10.01
CA ASN B 249 12.91 -11.83 -9.34
C ASN B 249 12.35 -13.25 -9.49
N ASP B 250 11.20 -13.41 -10.13
CA ASP B 250 10.62 -14.75 -10.23
C ASP B 250 9.93 -14.96 -11.55
N CYS B 251 10.55 -14.51 -12.62
CA CYS B 251 9.87 -14.33 -13.88
C CYS B 251 9.83 -15.60 -14.69
N GLN B 252 9.08 -16.58 -14.18
CA GLN B 252 8.97 -17.88 -14.81
C GLN B 252 7.60 -17.96 -15.44
N GLU B 253 7.41 -18.94 -16.32
CA GLU B 253 6.18 -19.02 -17.11
C GLU B 253 4.90 -19.03 -16.27
N GLY B 254 4.95 -19.63 -15.09
CA GLY B 254 3.76 -19.71 -14.26
C GLY B 254 3.33 -18.34 -13.77
N ASN B 255 4.21 -17.35 -13.88
CA ASN B 255 3.95 -16.00 -13.39
C ASN B 255 3.70 -15.00 -14.52
N ILE B 256 3.48 -15.50 -15.73
CA ILE B 256 3.15 -14.66 -16.87
C ILE B 256 1.81 -15.10 -17.47
N LEU B 257 0.80 -14.23 -17.39
CA LEU B 257 -0.51 -14.56 -17.95
C LEU B 257 -0.56 -14.25 -19.45
N LEU B 258 -1.23 -15.12 -20.19
CA LEU B 258 -1.61 -14.85 -21.58
C LEU B 258 -3.08 -14.43 -21.59
N LEU B 259 -3.32 -13.16 -21.88
CA LEU B 259 -4.65 -12.57 -21.69
C LEU B 259 -5.59 -13.07 -22.77
N GLU B 260 -6.71 -13.66 -22.36
CA GLU B 260 -7.55 -14.29 -23.35
C GLU B 260 -8.17 -13.20 -24.21
N GLY B 261 -8.36 -13.50 -25.49
CA GLY B 261 -8.94 -12.52 -26.38
C GLY B 261 -7.94 -11.60 -27.02
N ARG B 262 -6.65 -11.88 -26.84
CA ARG B 262 -5.62 -11.15 -27.58
C ARG B 262 -4.43 -12.00 -27.91
N GLU B 263 -4.62 -13.32 -27.83
CA GLU B 263 -3.59 -14.26 -28.25
C GLU B 263 -3.07 -13.86 -29.62
N ASN B 264 -3.84 -13.00 -30.31
CA ASN B 264 -3.48 -12.53 -31.63
C ASN B 264 -2.69 -11.22 -31.63
N SER B 265 -2.83 -10.44 -30.57
CA SER B 265 -1.99 -9.25 -30.41
C SER B 265 -0.54 -9.67 -30.57
N GLU B 266 0.27 -8.82 -31.18
CA GLU B 266 1.68 -9.18 -31.37
C GLU B 266 2.50 -8.75 -30.15
N LYS B 267 2.11 -7.64 -29.52
CA LYS B 267 2.93 -7.10 -28.44
C LYS B 267 2.19 -6.76 -27.15
N GLN B 268 0.91 -7.12 -27.06
CA GLN B 268 0.15 -6.81 -25.86
C GLN B 268 -0.73 -7.95 -25.39
N LYS B 269 -0.17 -9.16 -25.32
CA LYS B 269 -0.96 -10.29 -24.91
C LYS B 269 -0.53 -10.88 -23.57
N LEU B 270 0.40 -10.22 -22.90
CA LEU B 270 0.93 -10.73 -21.63
C LEU B 270 0.80 -9.75 -20.47
N MET B 271 0.67 -10.32 -19.28
CA MET B 271 0.90 -9.58 -18.04
C MET B 271 1.77 -10.38 -17.09
N LEU B 272 2.69 -9.68 -16.40
CA LEU B 272 3.50 -10.30 -15.37
C LEU B 272 2.78 -10.22 -14.05
N ILE B 273 2.77 -11.31 -13.29
CA ILE B 273 2.11 -11.29 -12.01
C ILE B 273 3.00 -11.91 -10.95
N ASP B 274 2.45 -12.07 -9.75
CA ASP B 274 3.12 -12.67 -8.61
C ASP B 274 4.45 -12.00 -8.30
N PHE B 275 4.36 -10.88 -7.61
CA PHE B 275 5.47 -10.00 -7.40
C PHE B 275 6.03 -10.27 -6.01
N GLU B 276 5.72 -11.46 -5.52
CA GLU B 276 5.98 -11.82 -4.13
C GLU B 276 7.46 -11.91 -3.75
N TYR B 277 8.35 -11.90 -4.73
CA TYR B 277 9.78 -11.89 -4.43
C TYR B 277 10.45 -10.60 -4.92
N SER B 278 9.65 -9.69 -5.48
CA SER B 278 10.19 -8.50 -6.14
C SER B 278 10.90 -7.57 -5.17
N SER B 279 12.00 -6.99 -5.62
CA SER B 279 12.77 -6.11 -4.78
C SER B 279 13.73 -5.36 -5.67
N TYR B 280 14.48 -4.41 -5.10
CA TYR B 280 15.54 -3.77 -5.84
C TYR B 280 16.71 -4.74 -5.86
N ASN B 281 17.28 -4.92 -7.04
CA ASN B 281 18.20 -6.03 -7.27
C ASN B 281 18.95 -5.76 -8.54
N TYR B 282 20.01 -6.52 -8.76
CA TYR B 282 20.75 -6.38 -10.01
C TYR B 282 19.88 -6.85 -11.18
N ARG B 283 19.61 -5.95 -12.11
CA ARG B 283 18.87 -6.27 -13.32
C ARG B 283 19.36 -7.56 -13.96
N GLY B 284 20.67 -7.76 -13.96
CA GLY B 284 21.24 -8.97 -14.52
C GLY B 284 20.60 -10.23 -13.94
N PHE B 285 20.23 -10.19 -12.66
CA PHE B 285 19.60 -11.37 -12.08
C PHE B 285 18.21 -11.64 -12.68
N ASP B 286 17.42 -10.58 -12.86
CA ASP B 286 16.04 -10.75 -13.31
C ASP B 286 16.05 -11.41 -14.69
N ILE B 287 16.98 -10.97 -15.54
CA ILE B 287 17.09 -11.50 -16.91
C ILE B 287 17.72 -12.89 -16.89
N GLY B 288 18.89 -13.00 -16.27
CA GLY B 288 19.49 -14.32 -16.10
C GLY B 288 18.52 -15.34 -15.55
N ASN B 289 17.80 -14.97 -14.49
CA ASN B 289 16.86 -15.90 -13.88
C ASN B 289 15.81 -16.30 -14.91
N HIS B 290 15.25 -15.33 -15.60
CA HIS B 290 14.25 -15.67 -16.59
C HIS B 290 14.82 -16.60 -17.68
N PHE B 291 16.06 -16.37 -18.08
CA PHE B 291 16.71 -17.24 -19.05
C PHE B 291 16.75 -18.66 -18.53
N CYS B 292 17.25 -18.82 -17.31
CA CYS B 292 17.29 -20.14 -16.69
C CYS B 292 15.95 -20.87 -16.79
N GLU B 293 14.85 -20.13 -16.63
CA GLU B 293 13.54 -20.73 -16.65
C GLU B 293 13.17 -21.39 -17.97
N TRP B 294 13.93 -21.13 -19.02
CA TRP B 294 13.66 -21.82 -20.28
C TRP B 294 13.91 -23.31 -20.12
N MET B 295 14.73 -23.68 -19.15
CA MET B 295 15.16 -25.07 -19.02
C MET B 295 14.27 -25.96 -18.17
N TYR B 296 13.40 -25.35 -17.37
CA TYR B 296 12.61 -26.10 -16.42
C TYR B 296 11.14 -26.06 -16.74
N ASP B 297 10.54 -27.24 -16.86
CA ASP B 297 9.11 -27.35 -17.10
C ASP B 297 8.46 -27.98 -15.88
N TYR B 298 7.61 -27.21 -15.22
CA TYR B 298 7.03 -27.63 -13.96
C TYR B 298 5.69 -28.30 -14.11
N SER B 299 5.32 -28.67 -15.33
CA SER B 299 3.98 -29.23 -15.53
C SER B 299 4.05 -30.76 -15.65
N TYR B 300 5.26 -31.29 -15.61
CA TYR B 300 5.48 -32.73 -15.61
C TYR B 300 4.62 -33.39 -14.54
N GLU B 301 3.95 -34.47 -14.93
CA GLU B 301 2.90 -35.08 -14.10
C GLU B 301 3.39 -36.23 -13.22
N LYS B 302 4.59 -36.74 -13.48
CA LYS B 302 5.18 -37.75 -12.60
C LYS B 302 6.28 -37.12 -11.74
N TYR B 303 6.40 -37.59 -10.50
CA TYR B 303 7.51 -37.20 -9.64
C TYR B 303 8.80 -37.19 -10.44
N PRO B 304 9.71 -36.22 -10.17
CA PRO B 304 9.65 -35.12 -9.20
C PRO B 304 8.83 -33.89 -9.67
N PHE B 305 8.14 -34.06 -10.80
CA PHE B 305 7.16 -33.08 -11.28
C PHE B 305 7.76 -31.89 -12.02
N PHE B 306 9.02 -32.03 -12.38
CA PHE B 306 9.62 -31.11 -13.33
C PHE B 306 10.52 -31.88 -14.29
N ARG B 307 10.84 -31.23 -15.40
CA ARG B 307 11.88 -31.70 -16.29
C ARG B 307 12.90 -30.58 -16.48
N ALA B 308 14.18 -30.94 -16.39
CA ALA B 308 15.25 -30.01 -16.71
C ALA B 308 15.80 -30.39 -18.06
N ASN B 309 16.12 -29.37 -18.86
CA ASN B 309 16.62 -29.60 -20.21
C ASN B 309 17.63 -28.54 -20.56
N ILE B 310 18.89 -28.83 -20.28
CA ILE B 310 19.97 -27.87 -20.47
C ILE B 310 19.96 -27.30 -21.88
N ARG B 311 19.69 -28.14 -22.87
CA ARG B 311 19.77 -27.72 -24.27
C ARG B 311 18.82 -26.56 -24.58
N LYS B 312 17.75 -26.46 -23.80
CA LYS B 312 16.71 -25.47 -24.03
C LYS B 312 17.03 -24.08 -23.47
N TYR B 313 18.24 -23.93 -22.94
CA TYR B 313 18.71 -22.61 -22.56
C TYR B 313 18.80 -21.75 -23.83
N PRO B 314 18.40 -20.47 -23.75
CA PRO B 314 18.38 -19.65 -24.96
C PRO B 314 19.74 -19.51 -25.65
N THR B 315 19.75 -19.67 -26.98
CA THR B 315 20.97 -19.54 -27.79
C THR B 315 21.36 -18.08 -27.84
N LYS B 316 22.61 -17.80 -28.20
CA LYS B 316 23.04 -16.42 -28.32
C LYS B 316 22.03 -15.63 -29.13
N LYS B 317 21.54 -16.23 -30.21
CA LYS B 317 20.62 -15.53 -31.08
C LYS B 317 19.35 -15.20 -30.33
N GLN B 318 18.80 -16.18 -29.64
CA GLN B 318 17.59 -15.99 -28.84
C GLN B 318 17.80 -14.97 -27.72
N GLN B 319 18.99 -14.97 -27.13
CA GLN B 319 19.29 -14.01 -26.07
C GLN B 319 19.31 -12.60 -26.62
N LEU B 320 19.99 -12.44 -27.77
CA LEU B 320 20.09 -11.14 -28.42
C LEU B 320 18.71 -10.63 -28.79
N HIS B 321 17.84 -11.55 -29.17
CA HIS B 321 16.49 -11.18 -29.53
C HIS B 321 15.80 -10.60 -28.30
N PHE B 322 15.89 -11.29 -27.17
CA PHE B 322 15.34 -10.77 -25.91
C PHE B 322 15.89 -9.38 -25.59
N ILE B 323 17.20 -9.24 -25.41
CA ILE B 323 17.72 -7.94 -24.97
C ILE B 323 17.47 -6.86 -26.03
N SER B 324 17.43 -7.25 -27.30
CA SER B 324 17.06 -6.33 -28.36
C SER B 324 15.67 -5.72 -28.17
N SER B 325 14.81 -6.37 -27.39
CA SER B 325 13.51 -5.79 -27.05
C SER B 325 13.62 -5.04 -25.74
N TYR B 326 14.42 -5.59 -24.83
CA TYR B 326 14.56 -5.05 -23.49
C TYR B 326 15.17 -3.66 -23.49
N LEU B 327 16.30 -3.51 -24.18
CA LEU B 327 17.07 -2.26 -24.17
C LEU B 327 16.27 -1.05 -24.64
N PRO B 328 15.59 -1.16 -25.79
CA PRO B 328 14.76 -0.04 -26.25
C PRO B 328 13.74 0.34 -25.18
N ALA B 329 13.19 -0.67 -24.53
CA ALA B 329 12.13 -0.44 -23.56
C ALA B 329 12.68 0.12 -22.26
N PHE B 330 13.99 0.04 -22.06
CA PHE B 330 14.57 0.38 -20.77
C PHE B 330 15.32 1.71 -20.76
N GLN B 331 15.77 2.15 -21.93
CA GLN B 331 16.31 3.49 -22.09
C GLN B 331 15.97 4.00 -23.48
N ASN B 332 14.87 4.72 -23.58
CA ASN B 332 14.23 5.00 -24.86
C ASN B 332 15.20 5.55 -25.92
N ASP B 333 16.28 6.19 -25.44
CA ASP B 333 17.26 6.77 -26.35
C ASP B 333 18.07 5.70 -27.06
N PHE B 334 18.06 4.48 -26.53
CA PHE B 334 18.95 3.42 -27.01
C PHE B 334 18.77 3.17 -28.50
N GLU B 335 17.54 3.25 -28.97
CA GLU B 335 17.24 3.02 -30.38
C GLU B 335 18.07 3.93 -31.30
N ASN B 336 18.36 5.15 -30.85
CA ASN B 336 19.08 6.12 -31.67
C ASN B 336 20.61 5.98 -31.64
N LEU B 337 21.11 4.95 -30.97
CA LEU B 337 22.55 4.77 -30.88
C LEU B 337 23.13 4.25 -32.19
N SER B 338 24.44 4.40 -32.36
CA SER B 338 25.11 3.88 -33.53
C SER B 338 25.04 2.36 -33.52
N THR B 339 24.68 1.78 -34.66
CA THR B 339 24.66 0.32 -34.78
C THR B 339 25.83 -0.33 -34.06
N GLU B 340 27.03 0.22 -34.27
CA GLU B 340 28.24 -0.35 -33.67
C GLU B 340 28.16 -0.26 -32.16
N GLU B 341 27.66 0.87 -31.66
CA GLU B 341 27.59 1.09 -30.23
C GLU B 341 26.57 0.16 -29.57
N LYS B 342 25.41 0.01 -30.21
CA LYS B 342 24.41 -0.94 -29.74
C LYS B 342 25.03 -2.31 -29.52
N SER B 343 25.92 -2.71 -30.40
CA SER B 343 26.52 -4.03 -30.31
C SER B 343 27.46 -4.10 -29.12
N ILE B 344 28.16 -3.00 -28.87
CA ILE B 344 29.03 -2.92 -27.71
C ILE B 344 28.23 -3.22 -26.45
N ILE B 345 27.05 -2.63 -26.38
CA ILE B 345 26.24 -2.67 -25.18
C ILE B 345 25.52 -4.00 -25.07
N LYS B 346 25.15 -4.57 -26.21
CA LYS B 346 24.50 -5.86 -26.24
C LYS B 346 25.47 -6.97 -25.84
N GLU B 347 26.65 -6.96 -26.45
CA GLU B 347 27.68 -7.95 -26.12
C GLU B 347 27.97 -7.90 -24.63
N GLU B 348 27.83 -6.70 -24.08
CA GLU B 348 28.17 -6.42 -22.69
C GLU B 348 27.10 -6.94 -21.75
N MET B 349 25.85 -6.82 -22.19
CA MET B 349 24.71 -7.29 -21.42
C MET B 349 24.64 -8.82 -21.45
N LEU B 350 25.14 -9.44 -22.51
CA LEU B 350 25.18 -10.90 -22.58
C LEU B 350 26.09 -11.49 -21.51
N LEU B 351 27.30 -10.95 -21.39
CA LEU B 351 28.21 -11.34 -20.34
C LEU B 351 27.57 -11.12 -18.99
N GLU B 352 26.86 -10.00 -18.85
CA GLU B 352 26.21 -9.65 -17.59
C GLU B 352 25.17 -10.66 -17.15
N VAL B 353 24.20 -10.91 -18.03
CA VAL B 353 23.06 -11.74 -17.66
C VAL B 353 23.45 -13.21 -17.47
N ASN B 354 24.49 -13.65 -18.17
CA ASN B 354 24.84 -15.07 -18.15
C ASN B 354 25.68 -15.39 -16.92
N ARG B 355 26.42 -14.39 -16.44
CA ARG B 355 27.09 -14.49 -15.15
C ARG B 355 26.07 -14.54 -14.01
N PHE B 356 25.15 -13.58 -14.01
CA PHE B 356 24.13 -13.53 -12.97
C PHE B 356 23.17 -14.71 -13.04
N ALA B 357 23.04 -15.32 -14.21
CA ALA B 357 22.24 -16.53 -14.27
C ALA B 357 22.78 -17.53 -13.23
N LEU B 358 24.08 -17.45 -12.91
CA LEU B 358 24.69 -18.35 -11.95
C LEU B 358 24.07 -18.20 -10.56
N ALA B 359 23.86 -16.95 -10.17
CA ALA B 359 23.16 -16.66 -8.94
C ALA B 359 21.72 -17.20 -8.98
N SER B 360 21.08 -17.19 -10.15
CA SER B 360 19.74 -17.79 -10.20
C SER B 360 19.82 -19.28 -9.78
N HIS B 361 20.71 -20.04 -10.41
CA HIS B 361 20.90 -21.44 -10.04
C HIS B 361 21.24 -21.60 -8.57
N PHE B 362 22.18 -20.81 -8.09
CA PHE B 362 22.66 -20.96 -6.72
C PHE B 362 21.54 -20.65 -5.73
N LEU B 363 21.00 -19.45 -5.83
CA LEU B 363 19.96 -19.01 -4.92
C LEU B 363 18.82 -20.01 -4.85
N TRP B 364 18.22 -20.33 -5.99
CA TRP B 364 17.03 -21.15 -5.99
C TRP B 364 17.35 -22.60 -5.63
N GLY B 365 18.58 -23.02 -5.91
CA GLY B 365 19.03 -24.32 -5.45
C GLY B 365 18.97 -24.41 -3.93
N LEU B 366 19.61 -23.45 -3.25
CA LEU B 366 19.50 -23.37 -1.80
C LEU B 366 18.04 -23.23 -1.38
N TRP B 367 17.26 -22.44 -2.10
CA TRP B 367 15.83 -22.30 -1.80
C TRP B 367 15.16 -23.67 -1.81
N SER B 368 15.60 -24.52 -2.71
CA SER B 368 14.86 -25.75 -2.94
C SER B 368 15.15 -26.78 -1.86
N ILE B 369 16.37 -26.79 -1.33
CA ILE B 369 16.68 -27.63 -0.19
C ILE B 369 15.82 -27.22 1.00
N VAL B 370 15.87 -25.95 1.40
CA VAL B 370 14.96 -25.49 2.44
C VAL B 370 13.52 -25.95 2.21
N GLN B 371 13.01 -25.85 0.99
CA GLN B 371 11.60 -26.18 0.73
C GLN B 371 11.35 -27.65 0.93
N ALA B 372 12.34 -28.48 0.61
CA ALA B 372 12.22 -29.91 0.77
C ALA B 372 11.81 -30.23 2.21
N LYS B 373 12.49 -29.61 3.17
CA LYS B 373 12.21 -29.85 4.58
C LYS B 373 10.82 -29.34 5.03
N ILE B 374 10.41 -28.19 4.51
CA ILE B 374 9.33 -27.41 5.12
C ILE B 374 8.01 -27.44 4.37
N SER B 375 8.07 -27.44 3.05
CA SER B 375 6.88 -27.28 2.24
C SER B 375 6.03 -28.55 2.24
N SER B 376 4.73 -28.39 2.07
CA SER B 376 3.80 -29.52 2.00
C SER B 376 3.33 -29.76 0.58
N ILE B 377 3.56 -28.78 -0.28
CA ILE B 377 3.38 -28.94 -1.72
C ILE B 377 4.12 -30.17 -2.17
N GLU B 378 3.47 -31.02 -2.96
CA GLU B 378 4.14 -32.21 -3.50
C GLU B 378 5.03 -31.86 -4.69
N PHE B 379 6.34 -32.07 -4.52
CA PHE B 379 7.31 -31.66 -5.53
C PHE B 379 8.70 -32.14 -5.14
N GLY B 380 9.44 -32.67 -6.11
CA GLY B 380 10.76 -33.19 -5.81
C GLY B 380 11.74 -32.08 -5.62
N TYR B 381 11.60 -31.34 -4.53
CA TYR B 381 12.47 -30.21 -4.29
C TYR B 381 13.94 -30.57 -4.35
N MET B 382 14.30 -31.71 -3.78
CA MET B 382 15.72 -32.06 -3.65
C MET B 382 16.36 -32.40 -4.98
N ASP B 383 15.58 -33.02 -5.87
CA ASP B 383 16.08 -33.30 -7.22
C ASP B 383 16.14 -32.02 -8.05
N TYR B 384 15.22 -31.11 -7.80
CA TYR B 384 15.25 -29.80 -8.45
C TYR B 384 16.47 -29.04 -7.97
N ALA B 385 16.80 -29.20 -6.70
CA ALA B 385 17.99 -28.57 -6.18
C ALA B 385 19.21 -29.13 -6.91
N GLN B 386 19.24 -30.44 -7.08
CA GLN B 386 20.39 -31.09 -7.72
C GLN B 386 20.50 -30.60 -9.16
N ALA B 387 19.37 -30.47 -9.82
CA ALA B 387 19.33 -30.00 -11.19
C ALA B 387 19.88 -28.57 -11.28
N ARG B 388 19.50 -27.72 -10.32
CA ARG B 388 19.93 -26.34 -10.38
C ARG B 388 21.42 -26.21 -10.14
N PHE B 389 22.01 -27.08 -9.31
CA PHE B 389 23.44 -26.99 -9.09
C PHE B 389 24.23 -27.63 -10.20
N ASP B 390 23.68 -28.68 -10.79
CA ASP B 390 24.27 -29.19 -12.01
C ASP B 390 24.32 -28.06 -13.02
N ALA B 391 23.19 -27.39 -13.22
CA ALA B 391 23.12 -26.30 -14.19
C ALA B 391 24.09 -25.21 -13.78
N TYR B 392 24.22 -24.99 -12.48
CA TYR B 392 25.21 -24.05 -11.98
C TYR B 392 26.65 -24.38 -12.43
N PHE B 393 27.08 -25.63 -12.26
CA PHE B 393 28.47 -25.95 -12.56
C PHE B 393 28.74 -26.09 -14.05
N HIS B 394 27.75 -26.59 -14.77
CA HIS B 394 27.83 -26.64 -16.22
C HIS B 394 27.97 -25.24 -16.80
N GLN B 395 27.24 -24.29 -16.25
CA GLN B 395 27.26 -22.93 -16.73
C GLN B 395 28.59 -22.24 -16.40
N LYS B 396 29.14 -22.52 -15.21
CA LYS B 396 30.49 -22.05 -14.91
C LYS B 396 31.51 -22.57 -15.93
N ARG B 397 31.38 -23.83 -16.34
CA ARG B 397 32.29 -24.40 -17.31
C ARG B 397 32.07 -23.74 -18.68
N LYS B 398 30.81 -23.55 -19.06
CA LYS B 398 30.51 -22.90 -20.33
C LYS B 398 31.13 -21.51 -20.38
N LEU B 399 31.10 -20.78 -19.27
CA LEU B 399 31.57 -19.41 -19.27
C LEU B 399 33.06 -19.34 -18.93
N GLY B 400 33.62 -20.49 -18.58
CA GLY B 400 35.03 -20.52 -18.25
C GLY B 400 35.34 -19.64 -17.05
N VAL B 401 34.36 -19.45 -16.18
CA VAL B 401 34.58 -18.66 -14.99
C VAL B 401 34.77 -19.58 -13.80
#